data_9BCN
#
_entry.id   9BCN
#
_cell.length_a   1.00
_cell.length_b   1.00
_cell.length_c   1.00
_cell.angle_alpha   90.00
_cell.angle_beta   90.00
_cell.angle_gamma   90.00
#
_symmetry.space_group_name_H-M   'P 1'
#
loop_
_entity.id
_entity.type
_entity.pdbx_description
1 polymer 'Atrial natriuretic peptide receptor 1'
2 branched alpha-D-mannopyranose-(1-3)-2-acetamido-2-deoxy-beta-D-glucopyranose-(1-4)-2-acetamido-2-deoxy-beta-D-glucopyranose
3 non-polymer 'CHLORIDE ION'
4 non-polymer 2-acetamido-2-deoxy-beta-D-glucopyranose
#
_entity_poly.entity_id   1
_entity_poly.type   'polypeptide(L)'
_entity_poly.pdbx_seq_one_letter_code
;DYKDDDDKAAAGNLTVAVVLPLANTSYPWSWARVGPAVELALAQVKARPDLLPGWTVRTVLGSSENALGVCSDTAAPLAA
VDLKWEHNPAVFLGPGCVYAAAPVGRFTAHWRVPLLTAGAPALGFGVKDEYALTTRAGPSYAKLGDFVAALHRRLGWERQ
ALMLYAYRPGDEEHCFFLVEGLFMRVRDRLNITVDHLEFAEDDLSHYTRLLRTMPRKGRVIYICSSPDAFRTLMLLALEA
GLCGEDYVFFHLDIFGQSLQGGQGPAPRRPWERGDGQDVSARQAFQAAKIITYKDPDNPEYLEFLKQLKHLAYEQFNFTM
EDGLVNTIPASFHDGLLLYIQAVTETLAHGGTVTDGENITQRMWNRSFQGVTGYLKIDSSGDRETDFSLWDMDPENGAFR
VVLNYNGTSQELVAVSGRKLNWPLGYPPPDIPKCGFDNEDPACNQDHLSTLEVLALVGSLSLLGILIVSFFIYRKMQLEK
ELASELWRVRWEDVEPSSLERHLRSAGSRLTLSGRGSNYGSLLTTEGQFQVFAKTAYYKGNLVAVKRVNRKRIELTRKVL
FELKHMRDVQNEHLTRFVGACTDPPNICILTEYCPRGSLQDILENESITLDWMFRYSLTNDIVKGMLFLHNGAICSHGNL
KSSNCVVDGRFVLKITDYGLESFRDLDPEQGHTVYAKKLWTAPELLRMASPPVRGSQAGDVYSFGIILQEIALRSGVFHV
EGLDLSPKEIIERVTRGEQPPFRPSLALQSHLEELGLLMQRCWAEDPQERPPFQQIRLTLRKFNRENSSNILDNLLSRME
QYANNLEELVEERTQAYLEEKRKAEALLYQILPHSVAEQLKRGETVQAEAFDSVTIYFSDIVGFTALSAESTPMQVVTLL
NDLYTCFDAVIDNFDVYKVETIGDAYMVVSGLPVRNGRLHACEVARMALALLDAVRSFRIRHRPQEQLRLRIGIHTGPVC
AGVVGLKMPRYCLFGDTVNTASRMESNGEALKIHLSSETKAVLEEFGGFELELRGDVEMKGKGKVRTYWLLGERGSSTRG
;
_entity_poly.pdbx_strand_id   A,B
#
loop_
_chem_comp.id
_chem_comp.type
_chem_comp.name
_chem_comp.formula
CL non-polymer 'CHLORIDE ION' 'Cl -1'
MAN D-saccharide, alpha linking alpha-D-mannopyranose 'C6 H12 O6'
NAG D-saccharide, beta linking 2-acetamido-2-deoxy-beta-D-glucopyranose 'C8 H15 N O6'
#
# COMPACT_ATOMS: atom_id res chain seq x y z
N GLY A 12 30.75 23.93 13.55
CA GLY A 12 30.48 23.10 12.34
C GLY A 12 29.25 23.56 11.58
N ASN A 13 28.76 22.70 10.69
CA ASN A 13 27.58 22.98 9.89
C ASN A 13 26.52 21.92 10.17
N LEU A 14 25.30 22.36 10.47
CA LEU A 14 24.19 21.47 10.77
C LEU A 14 23.20 21.54 9.61
N THR A 15 23.05 20.44 8.89
CA THR A 15 22.17 20.38 7.73
C THR A 15 20.81 19.86 8.14
N VAL A 16 19.76 20.52 7.67
CA VAL A 16 18.38 20.12 7.90
C VAL A 16 17.77 19.74 6.56
N ALA A 17 17.21 18.54 6.47
CA ALA A 17 16.65 18.04 5.23
C ALA A 17 15.14 18.19 5.25
N VAL A 18 14.60 18.80 4.20
CA VAL A 18 13.17 19.10 4.10
C VAL A 18 12.58 18.27 2.98
N VAL A 19 11.51 17.56 3.27
CA VAL A 19 10.77 16.79 2.26
C VAL A 19 9.32 17.23 2.36
N LEU A 20 8.94 18.25 1.58
CA LEU A 20 7.61 18.83 1.63
C LEU A 20 7.17 19.16 0.22
N PRO A 21 5.93 19.57 0.00
CA PRO A 21 5.54 20.07 -1.32
C PRO A 21 6.16 21.42 -1.64
N LEU A 22 7.12 21.45 -2.58
CA LEU A 22 7.82 22.68 -2.90
C LEU A 22 7.10 23.56 -3.91
N ALA A 23 6.09 23.04 -4.61
CA ALA A 23 5.46 23.80 -5.67
C ALA A 23 3.94 23.77 -5.66
N ASN A 24 3.30 22.98 -4.80
CA ASN A 24 1.86 22.83 -4.89
C ASN A 24 1.08 23.84 -4.04
N THR A 25 1.70 24.41 -3.02
CA THR A 25 1.15 25.56 -2.29
C THR A 25 -0.35 25.44 -2.02
N SER A 26 -0.83 24.25 -1.67
CA SER A 26 -2.23 24.06 -1.33
C SER A 26 -2.44 23.16 -0.13
N TYR A 27 -1.39 22.82 0.60
CA TYR A 27 -1.45 21.98 1.78
C TYR A 27 -1.17 22.81 3.02
N PRO A 28 -1.64 22.37 4.19
CA PRO A 28 -1.27 23.10 5.42
C PRO A 28 0.23 23.14 5.64
N TRP A 29 0.95 22.14 5.14
CA TRP A 29 2.39 22.01 5.34
C TRP A 29 3.16 22.27 4.06
N SER A 30 2.55 22.91 3.07
CA SER A 30 3.25 23.20 1.83
C SER A 30 4.43 24.12 2.10
N TRP A 31 5.51 23.91 1.36
CA TRP A 31 6.69 24.74 1.56
C TRP A 31 6.40 26.21 1.31
N ALA A 32 5.36 26.53 0.55
CA ALA A 32 5.04 27.93 0.29
C ALA A 32 4.74 28.68 1.59
N ARG A 33 4.11 28.01 2.55
CA ARG A 33 3.76 28.63 3.82
C ARG A 33 4.57 28.11 5.00
N VAL A 34 5.30 27.00 4.84
CA VAL A 34 6.20 26.53 5.89
C VAL A 34 7.61 27.10 5.73
N GLY A 35 7.99 27.53 4.54
CA GLY A 35 9.32 28.03 4.29
C GLY A 35 9.61 29.30 5.07
N PRO A 36 8.67 30.26 5.04
CA PRO A 36 8.86 31.45 5.88
C PRO A 36 8.95 31.14 7.36
N ALA A 37 8.22 30.13 7.83
CA ALA A 37 8.30 29.77 9.25
C ALA A 37 9.69 29.25 9.61
N VAL A 38 10.21 28.34 8.80
CA VAL A 38 11.56 27.83 9.02
C VAL A 38 12.57 28.95 8.94
N GLU A 39 12.39 29.87 8.00
CA GLU A 39 13.31 30.98 7.85
C GLU A 39 13.31 31.88 9.08
N LEU A 40 12.12 32.18 9.61
CA LEU A 40 12.03 32.98 10.83
C LEU A 40 12.68 32.24 12.00
N ALA A 41 12.46 30.93 12.11
CA ALA A 41 13.08 30.16 13.17
C ALA A 41 14.60 30.27 13.09
N LEU A 42 15.16 30.04 11.89
CA LEU A 42 16.61 30.07 11.74
C LEU A 42 17.17 31.47 11.97
N ALA A 43 16.42 32.52 11.60
CA ALA A 43 16.84 33.87 11.94
C ALA A 43 16.87 34.06 13.46
N GLN A 44 15.89 33.51 14.16
CA GLN A 44 15.88 33.61 15.61
C GLN A 44 17.05 32.85 16.23
N VAL A 45 17.43 31.71 15.66
CA VAL A 45 18.57 30.95 16.18
C VAL A 45 19.83 31.79 16.11
N LYS A 46 20.06 32.47 14.98
CA LYS A 46 21.26 33.27 14.83
C LYS A 46 21.28 34.43 15.82
N ALA A 47 20.12 35.06 16.04
CA ALA A 47 20.06 36.20 16.95
C ALA A 47 20.44 35.81 18.36
N ARG A 48 19.95 34.67 18.84
CA ARG A 48 20.22 34.24 20.21
C ARG A 48 21.60 33.58 20.29
N PRO A 49 22.52 34.10 21.11
CA PRO A 49 23.77 33.38 21.33
C PRO A 49 23.62 32.14 22.22
N ASP A 50 22.45 31.94 22.82
CA ASP A 50 22.23 30.79 23.69
C ASP A 50 21.85 29.53 22.94
N LEU A 51 21.67 29.61 21.62
CA LEU A 51 21.33 28.45 20.80
C LEU A 51 22.47 28.17 19.84
N LEU A 52 23.01 26.94 19.91
CA LEU A 52 24.09 26.50 19.02
C LEU A 52 25.10 27.61 18.80
N PRO A 53 25.87 27.98 19.81
CA PRO A 53 26.82 29.10 19.65
C PRO A 53 27.82 28.83 18.54
N GLY A 54 27.78 29.65 17.49
CA GLY A 54 28.71 29.59 16.39
C GLY A 54 28.29 28.74 15.22
N TRP A 55 27.61 27.62 15.48
CA TRP A 55 27.23 26.70 14.43
C TRP A 55 26.39 27.41 13.37
N THR A 56 26.42 26.86 12.16
CA THR A 56 25.62 27.33 11.05
C THR A 56 24.58 26.29 10.70
N VAL A 57 23.33 26.72 10.56
CA VAL A 57 22.21 25.85 10.21
C VAL A 57 21.78 26.18 8.79
N ARG A 58 21.68 25.16 7.95
CA ARG A 58 21.29 25.34 6.56
C ARG A 58 20.32 24.23 6.16
N THR A 59 19.40 24.55 5.27
CA THR A 59 18.38 23.61 4.83
C THR A 59 18.63 23.21 3.39
N VAL A 60 18.35 21.94 3.08
CA VAL A 60 18.41 21.41 1.72
C VAL A 60 17.05 20.81 1.41
N LEU A 61 16.53 21.13 0.23
CA LEU A 61 15.11 20.93 -0.09
C LEU A 61 14.92 19.75 -1.02
N GLY A 62 13.94 18.92 -0.71
CA GLY A 62 13.52 17.86 -1.59
C GLY A 62 12.01 17.81 -1.63
N SER A 63 11.47 17.35 -2.75
CA SER A 63 10.05 17.44 -3.02
C SER A 63 9.35 16.11 -2.73
N SER A 64 8.15 16.21 -2.20
CA SER A 64 7.38 15.06 -1.72
C SER A 64 6.24 14.68 -2.65
N GLU A 65 6.27 15.17 -3.89
CA GLU A 65 5.13 15.03 -4.78
C GLU A 65 5.58 14.55 -6.15
N ASN A 66 4.65 13.90 -6.85
CA ASN A 66 4.91 13.30 -8.15
C ASN A 66 4.66 14.32 -9.25
N ALA A 67 4.63 13.86 -10.51
CA ALA A 67 4.50 14.77 -11.64
C ALA A 67 3.12 15.40 -11.71
N LEU A 68 2.12 14.83 -11.04
CA LEU A 68 0.79 15.42 -11.04
C LEU A 68 0.63 16.56 -10.05
N GLY A 69 1.60 16.76 -9.17
CA GLY A 69 1.56 17.85 -8.21
C GLY A 69 1.08 17.45 -6.82
N VAL A 70 0.55 16.26 -6.66
CA VAL A 70 0.07 15.79 -5.36
C VAL A 70 1.19 15.05 -4.65
N CYS A 71 1.13 15.05 -3.32
CA CYS A 71 2.13 14.34 -2.52
C CYS A 71 1.83 12.85 -2.55
N SER A 72 2.83 12.04 -2.86
CA SER A 72 2.67 10.62 -3.05
C SER A 72 3.71 9.84 -2.25
N ASP A 73 3.36 8.62 -1.90
CA ASP A 73 4.26 7.73 -1.16
C ASP A 73 5.36 7.15 -2.02
N THR A 74 5.30 7.36 -3.34
CA THR A 74 6.31 6.84 -4.24
C THR A 74 7.45 7.83 -4.48
N ALA A 75 7.19 9.12 -4.37
CA ALA A 75 8.18 10.15 -4.69
C ALA A 75 8.81 10.77 -3.47
N ALA A 76 8.28 10.52 -2.27
CA ALA A 76 8.87 11.05 -1.05
C ALA A 76 10.09 10.24 -0.62
N PRO A 77 10.01 8.91 -0.57
CA PRO A 77 11.20 8.13 -0.21
C PRO A 77 12.36 8.32 -1.18
N LEU A 78 12.08 8.52 -2.48
CA LEU A 78 13.18 8.76 -3.42
C LEU A 78 13.90 10.06 -3.10
N ALA A 79 13.15 11.13 -2.81
CA ALA A 79 13.77 12.39 -2.44
C ALA A 79 14.54 12.27 -1.14
N ALA A 80 13.97 11.55 -0.17
CA ALA A 80 14.67 11.35 1.11
C ALA A 80 15.99 10.61 0.90
N VAL A 81 15.99 9.57 0.08
CA VAL A 81 17.22 8.82 -0.18
C VAL A 81 18.24 9.70 -0.87
N ASP A 82 17.80 10.48 -1.86
CA ASP A 82 18.73 11.37 -2.56
C ASP A 82 19.35 12.37 -1.60
N LEU A 83 18.54 12.98 -0.74
CA LEU A 83 19.06 13.94 0.22
C LEU A 83 20.04 13.28 1.17
N LYS A 84 19.69 12.10 1.68
CA LYS A 84 20.56 11.40 2.62
C LYS A 84 21.91 11.11 2.00
N TRP A 85 21.92 10.62 0.76
CA TRP A 85 23.19 10.25 0.15
C TRP A 85 24.00 11.47 -0.29
N GLU A 86 23.34 12.55 -0.69
CA GLU A 86 24.08 13.69 -1.22
C GLU A 86 24.58 14.64 -0.14
N HIS A 87 23.77 14.92 0.89
CA HIS A 87 24.11 15.95 1.86
C HIS A 87 24.38 15.43 3.26
N ASN A 88 23.91 14.24 3.61
CA ASN A 88 24.15 13.69 4.94
C ASN A 88 23.51 14.59 6.00
N PRO A 89 22.18 14.66 6.05
CA PRO A 89 21.53 15.54 7.03
C PRO A 89 21.70 15.05 8.45
N ALA A 90 21.43 15.96 9.38
CA ALA A 90 21.35 15.61 10.80
C ALA A 90 19.93 15.39 11.27
N VAL A 91 18.94 15.95 10.58
CA VAL A 91 17.54 15.82 10.95
C VAL A 91 16.71 16.03 9.70
N PHE A 92 15.50 15.48 9.70
CA PHE A 92 14.56 15.62 8.60
C PHE A 92 13.35 16.42 9.06
N LEU A 93 12.93 17.39 8.25
CA LEU A 93 11.60 17.99 8.39
C LEU A 93 10.62 17.18 7.56
N GLY A 94 10.38 15.96 8.02
CA GLY A 94 9.76 14.94 7.23
C GLY A 94 8.44 15.36 6.64
N PRO A 95 7.88 14.52 5.77
CA PRO A 95 6.64 14.87 5.10
C PRO A 95 5.51 15.11 6.08
N GLY A 96 4.43 15.69 5.56
CA GLY A 96 3.24 15.91 6.35
C GLY A 96 2.11 14.99 5.94
N CYS A 97 2.12 14.55 4.69
CA CYS A 97 1.07 13.67 4.22
C CYS A 97 1.15 12.32 4.91
N VAL A 98 -0.01 11.72 5.14
CA VAL A 98 -0.07 10.44 5.85
C VAL A 98 0.59 9.34 5.02
N TYR A 99 0.54 9.45 3.69
CA TYR A 99 1.06 8.41 2.82
C TYR A 99 2.53 8.60 2.49
N ALA A 100 2.99 9.84 2.39
CA ALA A 100 4.41 10.09 2.17
C ALA A 100 5.23 9.89 3.43
N ALA A 101 4.66 10.17 4.59
CA ALA A 101 5.41 10.16 5.84
C ALA A 101 5.73 8.76 6.34
N ALA A 102 4.97 7.74 5.91
CA ALA A 102 5.24 6.39 6.38
C ALA A 102 6.55 5.85 5.82
N PRO A 103 6.73 5.75 4.50
CA PRO A 103 8.01 5.23 3.99
C PRO A 103 9.22 6.03 4.44
N VAL A 104 9.10 7.37 4.48
CA VAL A 104 10.22 8.19 4.94
C VAL A 104 10.48 7.96 6.42
N GLY A 105 9.42 7.80 7.20
CA GLY A 105 9.60 7.50 8.61
C GLY A 105 10.34 6.19 8.83
N ARG A 106 9.98 5.16 8.07
CA ARG A 106 10.68 3.88 8.19
C ARG A 106 12.14 4.00 7.76
N PHE A 107 12.41 4.73 6.67
CA PHE A 107 13.79 4.90 6.24
C PHE A 107 14.62 5.60 7.30
N THR A 108 14.12 6.70 7.85
CA THR A 108 14.90 7.45 8.83
C THR A 108 15.02 6.71 10.15
N ALA A 109 14.03 5.88 10.50
CA ALA A 109 14.18 4.99 11.63
C ALA A 109 15.32 4.01 11.39
N HIS A 110 15.42 3.49 10.16
CA HIS A 110 16.53 2.60 9.84
C HIS A 110 17.87 3.30 9.94
N TRP A 111 17.97 4.53 9.44
CA TRP A 111 19.24 5.24 9.48
C TRP A 111 19.58 5.80 10.86
N ARG A 112 18.65 5.74 11.81
CA ARG A 112 18.85 6.31 13.15
C ARG A 112 19.03 7.82 13.07
N VAL A 113 18.11 8.49 12.39
CA VAL A 113 18.13 9.94 12.22
C VAL A 113 16.80 10.49 12.71
N PRO A 114 16.78 11.56 13.50
CA PRO A 114 15.49 12.11 13.94
C PRO A 114 14.67 12.64 12.77
N LEU A 115 13.35 12.63 12.95
CA LEU A 115 12.43 13.15 11.95
C LEU A 115 11.41 14.02 12.65
N LEU A 116 11.48 15.33 12.43
CA LEU A 116 10.51 16.28 12.96
C LEU A 116 9.37 16.47 11.97
N THR A 117 8.15 16.53 12.47
CA THR A 117 7.05 16.85 11.59
C THR A 117 5.89 17.43 12.39
N ALA A 118 5.17 18.36 11.78
CA ALA A 118 3.90 18.85 12.31
C ALA A 118 2.73 18.34 11.50
N GLY A 119 2.96 17.44 10.56
CA GLY A 119 1.90 16.75 9.85
C GLY A 119 1.84 15.29 10.24
N ALA A 120 1.47 14.43 9.31
CA ALA A 120 1.39 12.99 9.53
C ALA A 120 0.67 12.67 10.84
N PRO A 121 -0.60 13.04 10.98
CA PRO A 121 -1.32 12.81 12.23
C PRO A 121 -1.89 11.41 12.38
N ALA A 122 -1.76 10.55 11.38
CA ALA A 122 -2.44 9.26 11.41
C ALA A 122 -2.08 8.47 12.66
N LEU A 123 -2.90 7.47 12.96
CA LEU A 123 -2.70 6.67 14.16
C LEU A 123 -1.47 5.77 14.03
N GLY A 124 -1.24 5.23 12.82
CA GLY A 124 -0.16 4.26 12.65
C GLY A 124 1.23 4.84 12.79
N PHE A 125 1.37 6.17 12.73
CA PHE A 125 2.67 6.80 12.83
C PHE A 125 3.15 6.94 14.26
N GLY A 126 2.31 6.64 15.24
CA GLY A 126 2.65 6.80 16.64
C GLY A 126 3.15 5.54 17.33
N VAL A 127 3.40 4.46 16.59
CA VAL A 127 3.96 3.24 17.16
C VAL A 127 5.48 3.39 17.10
N LYS A 128 6.04 4.03 18.14
CA LYS A 128 7.46 4.37 18.12
C LYS A 128 8.37 3.15 18.20
N ASP A 129 7.83 1.94 18.23
CA ASP A 129 8.68 0.76 18.07
C ASP A 129 9.17 0.65 16.63
N GLU A 130 8.30 0.92 15.66
CA GLU A 130 8.64 0.88 14.25
C GLU A 130 9.17 2.22 13.75
N TYR A 131 8.59 3.32 14.21
CA TYR A 131 9.02 4.66 13.81
C TYR A 131 9.89 5.24 14.93
N ALA A 132 11.11 4.75 15.00
CA ALA A 132 12.02 5.19 16.04
C ALA A 132 12.55 6.59 15.75
N LEU A 133 12.60 7.42 16.78
CA LEU A 133 13.22 8.76 16.77
C LEU A 133 12.36 9.82 16.11
N THR A 134 11.10 9.54 15.77
CA THR A 134 10.25 10.52 15.12
C THR A 134 9.51 11.36 16.16
N THR A 135 9.45 12.66 15.92
CA THR A 135 8.76 13.60 16.81
C THR A 135 7.69 14.33 16.02
N ARG A 136 6.48 14.36 16.57
CA ARG A 136 5.36 15.11 15.99
C ARG A 136 5.14 16.34 16.84
N ALA A 137 5.50 17.49 16.29
CA ALA A 137 5.34 18.77 16.98
C ALA A 137 4.00 19.43 16.68
N GLY A 138 3.13 18.77 15.92
CA GLY A 138 1.85 19.31 15.59
C GLY A 138 0.71 18.44 16.06
N PRO A 139 -0.52 18.80 15.69
CA PRO A 139 -1.67 18.03 16.17
C PRO A 139 -1.65 16.59 15.68
N SER A 140 -2.29 15.72 16.47
CA SER A 140 -2.45 14.32 16.13
C SER A 140 -3.91 13.96 16.23
N TYR A 141 -4.33 12.93 15.49
CA TYR A 141 -5.73 12.52 15.50
C TYR A 141 -6.08 11.74 16.75
N ALA A 142 -5.13 10.98 17.30
CA ALA A 142 -5.41 10.22 18.51
C ALA A 142 -5.71 11.12 19.69
N LYS A 143 -5.03 12.27 19.78
CA LYS A 143 -5.28 13.18 20.89
C LYS A 143 -6.71 13.71 20.87
N LEU A 144 -7.36 13.73 19.71
CA LEU A 144 -8.77 14.11 19.67
C LEU A 144 -9.61 13.12 20.46
N GLY A 145 -9.23 11.85 20.43
CA GLY A 145 -9.90 10.86 21.27
C GLY A 145 -9.83 11.19 22.73
N ASP A 146 -8.77 11.88 23.16
CA ASP A 146 -8.73 12.35 24.55
C ASP A 146 -9.85 13.35 24.80
N PHE A 147 -10.02 14.30 23.88
CA PHE A 147 -10.96 15.39 24.09
C PHE A 147 -12.36 14.85 24.35
N VAL A 148 -12.85 13.98 23.47
CA VAL A 148 -14.19 13.43 23.63
C VAL A 148 -14.28 12.66 24.94
N ALA A 149 -13.19 11.98 25.33
CA ALA A 149 -13.20 11.28 26.61
C ALA A 149 -13.41 12.25 27.76
N ALA A 150 -12.76 13.42 27.70
CA ALA A 150 -12.98 14.43 28.73
C ALA A 150 -14.35 15.07 28.60
N LEU A 151 -14.99 14.94 27.44
CA LEU A 151 -16.32 15.52 27.23
C LEU A 151 -17.40 14.62 27.80
N HIS A 152 -17.38 13.34 27.41
CA HIS A 152 -18.36 12.40 27.94
C HIS A 152 -18.40 12.44 29.46
N ARG A 153 -17.23 12.33 30.09
CA ARG A 153 -17.17 12.38 31.54
C ARG A 153 -17.90 13.59 32.08
N ARG A 154 -17.70 14.74 31.45
CA ARG A 154 -18.34 15.96 31.93
C ARG A 154 -19.85 15.88 31.79
N LEU A 155 -20.35 15.31 30.70
CA LEU A 155 -21.77 15.35 30.37
C LEU A 155 -22.51 14.07 30.72
N GLY A 156 -21.83 13.09 31.28
CA GLY A 156 -22.49 11.90 31.78
C GLY A 156 -22.79 10.84 30.73
N TRP A 157 -22.45 11.07 29.47
CA TRP A 157 -22.68 10.05 28.44
C TRP A 157 -21.65 8.94 28.61
N GLU A 158 -22.11 7.74 28.96
CA GLU A 158 -21.20 6.64 29.21
C GLU A 158 -21.72 5.30 28.68
N ARG A 159 -22.60 5.32 27.67
CA ARG A 159 -23.22 4.10 27.17
C ARG A 159 -22.83 3.79 25.73
N GLN A 160 -23.04 4.71 24.79
CA GLN A 160 -22.89 4.38 23.37
C GLN A 160 -22.56 5.61 22.57
N ALA A 161 -21.95 5.39 21.40
CA ALA A 161 -21.60 6.48 20.50
C ALA A 161 -21.51 5.98 19.06
N LEU A 162 -21.71 6.90 18.12
CA LEU A 162 -21.70 6.60 16.70
C LEU A 162 -20.80 7.59 15.99
N MET A 163 -19.98 7.11 15.05
CA MET A 163 -19.04 7.94 14.30
C MET A 163 -19.19 7.71 12.81
N LEU A 164 -19.64 8.75 12.11
CA LEU A 164 -19.79 8.76 10.66
C LEU A 164 -18.61 9.48 10.03
N TYR A 165 -18.10 8.94 8.93
CA TYR A 165 -17.12 9.66 8.14
C TYR A 165 -17.47 9.59 6.66
N ALA A 166 -17.19 10.68 5.96
CA ALA A 166 -17.48 10.79 4.54
C ALA A 166 -16.28 10.35 3.71
N TYR A 167 -16.57 9.91 2.49
CA TYR A 167 -15.55 9.51 1.54
C TYR A 167 -15.66 10.36 0.29
N ARG A 168 -14.53 10.82 -0.22
CA ARG A 168 -14.49 11.70 -1.38
C ARG A 168 -13.25 11.35 -2.20
N PRO A 169 -13.38 11.23 -3.53
CA PRO A 169 -12.22 10.83 -4.35
C PRO A 169 -11.02 11.74 -4.20
N GLY A 170 -11.23 13.04 -4.01
CA GLY A 170 -10.14 13.99 -4.02
C GLY A 170 -9.24 13.96 -2.80
N ASP A 171 -9.83 14.16 -1.62
CA ASP A 171 -9.04 14.24 -0.40
C ASP A 171 -8.26 12.95 -0.20
N GLU A 172 -7.11 13.03 0.47
CA GLU A 172 -6.24 11.83 0.72
C GLU A 172 -6.79 11.07 1.94
N GLU A 173 -7.97 10.43 1.78
CA GLU A 173 -8.74 9.69 2.82
C GLU A 173 -8.52 10.36 4.18
N HIS A 174 -9.00 11.60 4.35
CA HIS A 174 -8.75 12.39 5.55
C HIS A 174 -9.65 11.94 6.71
N CYS A 175 -10.97 11.95 6.49
CA CYS A 175 -11.88 11.60 7.58
C CYS A 175 -11.72 10.15 8.00
N PHE A 176 -11.30 9.26 7.10
CA PHE A 176 -11.06 7.89 7.54
C PHE A 176 -10.00 7.86 8.63
N PHE A 177 -8.87 8.51 8.40
CA PHE A 177 -7.81 8.52 9.40
C PHE A 177 -8.24 9.26 10.66
N LEU A 178 -8.92 10.40 10.50
CA LEU A 178 -9.37 11.15 11.66
C LEU A 178 -10.26 10.30 12.55
N VAL A 179 -11.28 9.68 11.97
CA VAL A 179 -12.21 8.89 12.76
C VAL A 179 -11.57 7.61 13.24
N GLU A 180 -10.58 7.07 12.51
CA GLU A 180 -9.86 5.91 13.01
C GLU A 180 -9.12 6.23 14.30
N GLY A 181 -8.37 7.33 14.31
CA GLY A 181 -7.69 7.72 15.52
C GLY A 181 -8.65 7.99 16.67
N LEU A 182 -9.71 8.75 16.38
CA LEU A 182 -10.68 9.07 17.42
C LEU A 182 -11.31 7.79 17.98
N PHE A 183 -11.69 6.87 17.09
CA PHE A 183 -12.29 5.60 17.49
C PHE A 183 -11.38 4.81 18.40
N MET A 184 -10.13 4.59 17.97
CA MET A 184 -9.24 3.75 18.75
C MET A 184 -8.95 4.37 20.11
N ARG A 185 -8.67 5.68 20.14
CA ARG A 185 -8.29 6.28 21.40
C ARG A 185 -9.47 6.48 22.33
N VAL A 186 -10.71 6.54 21.82
CA VAL A 186 -11.85 6.63 22.73
C VAL A 186 -12.24 5.24 23.21
N ARG A 187 -12.05 4.21 22.39
CA ARG A 187 -12.30 2.86 22.84
C ARG A 187 -11.29 2.44 23.91
N ASP A 188 -10.05 2.92 23.80
CA ASP A 188 -9.03 2.53 24.77
C ASP A 188 -9.40 2.95 26.19
N ARG A 189 -9.87 4.19 26.36
CA ARG A 189 -9.98 4.80 27.68
C ARG A 189 -11.42 5.18 28.02
N LEU A 190 -12.39 4.44 27.52
CA LEU A 190 -13.78 4.62 27.93
C LEU A 190 -14.51 3.29 27.81
N ASN A 191 -15.39 3.00 28.76
CA ASN A 191 -16.18 1.78 28.75
C ASN A 191 -17.51 2.00 28.04
N ILE A 192 -17.41 2.41 26.76
CA ILE A 192 -18.57 2.65 25.93
C ILE A 192 -18.44 1.83 24.66
N THR A 193 -19.58 1.54 24.05
CA THR A 193 -19.64 0.87 22.76
C THR A 193 -19.85 1.91 21.67
N VAL A 194 -18.96 1.90 20.68
CA VAL A 194 -18.93 2.94 19.66
C VAL A 194 -18.85 2.29 18.29
N ASP A 195 -19.61 2.81 17.33
CA ASP A 195 -19.80 2.17 16.04
C ASP A 195 -19.34 3.06 14.89
N HIS A 196 -18.52 2.50 14.01
CA HIS A 196 -18.08 3.15 12.77
C HIS A 196 -19.19 3.16 11.72
N LEU A 197 -19.12 4.16 10.84
CA LEU A 197 -19.91 4.14 9.61
C LEU A 197 -19.22 5.01 8.56
N GLU A 198 -19.26 4.56 7.32
CA GLU A 198 -18.78 5.32 6.19
C GLU A 198 -19.94 5.67 5.27
N PHE A 199 -19.91 6.86 4.70
CA PHE A 199 -20.88 7.23 3.68
C PHE A 199 -20.17 8.02 2.59
N ALA A 200 -20.75 7.97 1.38
CA ALA A 200 -20.18 8.65 0.23
C ALA A 200 -20.67 10.09 0.21
N GLU A 201 -19.73 11.04 0.25
CA GLU A 201 -20.11 12.43 0.40
C GLU A 201 -20.94 12.92 -0.79
N ASP A 202 -20.52 12.58 -2.00
CA ASP A 202 -21.22 13.01 -3.21
C ASP A 202 -22.22 11.92 -3.64
N ASP A 203 -23.16 11.64 -2.74
CA ASP A 203 -24.16 10.60 -2.99
C ASP A 203 -25.43 10.98 -2.22
N LEU A 204 -26.36 11.62 -2.91
CA LEU A 204 -27.58 12.10 -2.26
C LEU A 204 -28.42 10.97 -1.69
N SER A 205 -28.27 9.76 -2.20
CA SER A 205 -29.02 8.63 -1.66
C SER A 205 -28.43 8.13 -0.35
N HIS A 206 -27.11 8.26 -0.18
CA HIS A 206 -26.49 7.75 1.04
C HIS A 206 -27.01 8.46 2.28
N TYR A 207 -27.27 9.76 2.17
CA TYR A 207 -27.86 10.47 3.31
C TYR A 207 -29.23 9.91 3.65
N THR A 208 -30.03 9.59 2.64
CA THR A 208 -31.33 8.99 2.88
C THR A 208 -31.20 7.65 3.57
N ARG A 209 -30.24 6.82 3.13
CA ARG A 209 -30.04 5.52 3.74
C ARG A 209 -29.30 5.59 5.07
N LEU A 210 -28.77 6.75 5.41
CA LEU A 210 -28.06 6.96 6.67
C LEU A 210 -28.97 7.50 7.76
N LEU A 211 -29.87 8.41 7.41
CA LEU A 211 -30.85 8.88 8.39
C LEU A 211 -31.80 7.78 8.82
N ARG A 212 -31.90 6.70 8.04
CA ARG A 212 -32.70 5.56 8.47
C ARG A 212 -31.99 4.75 9.54
N THR A 213 -30.68 4.53 9.38
CA THR A 213 -29.91 3.68 10.30
C THR A 213 -29.30 4.45 11.46
N MET A 214 -29.36 5.77 11.46
CA MET A 214 -28.80 6.54 12.56
C MET A 214 -29.66 6.43 13.82
N PRO A 215 -30.98 6.54 13.72
CA PRO A 215 -31.82 6.49 14.93
C PRO A 215 -31.74 5.18 15.68
N ARG A 216 -31.29 4.10 15.04
CA ARG A 216 -31.17 2.79 15.69
C ARG A 216 -29.72 2.42 15.97
N LYS A 217 -28.82 3.40 16.02
CA LYS A 217 -27.41 3.12 16.22
C LYS A 217 -26.72 4.06 17.21
N GLY A 218 -27.36 5.14 17.66
CA GLY A 218 -26.73 6.01 18.63
C GLY A 218 -27.51 7.28 18.83
N ARG A 219 -27.16 7.98 19.91
CA ARG A 219 -27.79 9.24 20.29
C ARG A 219 -26.79 10.37 20.43
N VAL A 220 -25.50 10.10 20.31
CA VAL A 220 -24.46 11.13 20.30
C VAL A 220 -23.58 10.81 19.11
N ILE A 221 -23.71 11.59 18.04
CA ILE A 221 -23.12 11.28 16.74
C ILE A 221 -21.97 12.24 16.48
N TYR A 222 -20.87 11.69 15.96
CA TYR A 222 -19.71 12.47 15.56
C TYR A 222 -19.51 12.30 14.06
N ILE A 223 -19.58 13.39 13.31
CA ILE A 223 -19.58 13.36 11.85
C ILE A 223 -18.32 14.05 11.35
N CYS A 224 -17.61 13.41 10.43
CA CYS A 224 -16.47 14.01 9.74
C CYS A 224 -16.79 14.10 8.25
N SER A 225 -17.07 15.30 7.78
CA SER A 225 -17.36 15.54 6.38
C SER A 225 -17.16 17.02 6.10
N SER A 226 -17.41 17.43 4.86
CA SER A 226 -17.24 18.81 4.47
C SER A 226 -18.31 19.69 5.09
N PRO A 227 -18.08 21.01 5.14
CA PRO A 227 -19.14 21.90 5.64
C PRO A 227 -20.46 21.77 4.90
N ASP A 228 -20.40 21.65 3.57
CA ASP A 228 -21.64 21.57 2.79
C ASP A 228 -22.36 20.24 3.02
N ALA A 229 -21.60 19.15 3.09
CA ALA A 229 -22.21 17.86 3.36
C ALA A 229 -22.88 17.87 4.73
N PHE A 230 -22.21 18.43 5.74
CA PHE A 230 -22.81 18.49 7.07
C PHE A 230 -24.06 19.35 7.08
N ARG A 231 -24.05 20.49 6.38
CA ARG A 231 -25.24 21.33 6.32
C ARG A 231 -26.40 20.60 5.66
N THR A 232 -26.12 19.90 4.55
CA THR A 232 -27.17 19.12 3.89
C THR A 232 -27.71 18.04 4.81
N LEU A 233 -26.83 17.33 5.51
CA LEU A 233 -27.27 16.28 6.42
C LEU A 233 -28.11 16.86 7.54
N MET A 234 -27.73 18.03 8.06
CA MET A 234 -28.50 18.66 9.13
C MET A 234 -29.88 19.09 8.64
N LEU A 235 -29.96 19.63 7.42
CA LEU A 235 -31.27 19.98 6.87
C LEU A 235 -32.14 18.73 6.69
N LEU A 236 -31.56 17.64 6.20
CA LEU A 236 -32.33 16.40 6.08
C LEU A 236 -32.80 15.93 7.45
N ALA A 237 -31.93 15.98 8.45
CA ALA A 237 -32.29 15.56 9.80
C ALA A 237 -33.45 16.38 10.34
N LEU A 238 -33.44 17.68 10.11
CA LEU A 238 -34.57 18.50 10.51
C LEU A 238 -35.82 18.14 9.70
N GLU A 239 -35.64 17.79 8.43
CA GLU A 239 -36.76 17.32 7.64
C GLU A 239 -37.41 16.11 8.27
N ALA A 240 -36.60 15.23 8.87
CA ALA A 240 -37.13 14.18 9.73
C ALA A 240 -37.55 14.82 11.05
N GLY A 241 -37.80 14.00 12.07
CA GLY A 241 -38.19 14.53 13.37
C GLY A 241 -37.05 14.52 14.36
N LEU A 242 -35.83 14.76 13.89
CA LEU A 242 -34.64 14.56 14.72
C LEU A 242 -34.28 15.88 15.41
N CYS A 243 -35.08 16.22 16.41
CA CYS A 243 -34.94 17.48 17.12
C CYS A 243 -33.73 17.44 18.05
N GLY A 244 -33.38 18.60 18.58
CA GLY A 244 -32.27 18.70 19.51
C GLY A 244 -32.57 18.22 20.91
N GLU A 245 -33.84 18.02 21.25
CA GLU A 245 -34.19 17.42 22.53
C GLU A 245 -33.77 15.95 22.59
N ASP A 246 -33.36 15.35 21.48
CA ASP A 246 -32.97 13.95 21.44
C ASP A 246 -31.50 13.76 21.09
N TYR A 247 -31.03 14.25 19.94
CA TYR A 247 -29.65 13.99 19.43
C TYR A 247 -28.75 15.19 19.65
N VAL A 248 -27.46 14.94 19.54
CA VAL A 248 -26.44 15.98 19.46
C VAL A 248 -25.44 15.55 18.40
N PHE A 249 -25.24 16.39 17.39
CA PHE A 249 -24.30 16.11 16.30
C PHE A 249 -23.06 16.97 16.49
N PHE A 250 -21.91 16.31 16.58
CA PHE A 250 -20.62 16.98 16.71
C PHE A 250 -19.92 16.93 15.36
N HIS A 251 -19.68 18.08 14.77
CA HIS A 251 -18.95 18.18 13.50
C HIS A 251 -17.48 18.33 13.80
N LEU A 252 -16.68 17.32 13.42
CA LEU A 252 -15.23 17.37 13.60
C LEU A 252 -14.65 18.14 12.43
N ASP A 253 -14.48 19.45 12.63
CA ASP A 253 -13.93 20.36 11.62
C ASP A 253 -12.65 20.94 12.20
N ILE A 254 -11.54 20.20 12.07
CA ILE A 254 -10.35 20.53 12.84
C ILE A 254 -9.81 21.90 12.44
N PHE A 255 -9.82 22.21 11.15
CA PHE A 255 -9.23 23.45 10.65
C PHE A 255 -10.26 24.55 10.47
N GLY A 256 -11.47 24.38 10.96
CA GLY A 256 -12.46 25.44 10.90
C GLY A 256 -12.82 25.87 9.50
N GLN A 257 -13.01 24.90 8.59
CA GLN A 257 -13.37 25.25 7.22
C GLN A 257 -14.76 25.86 7.15
N SER A 258 -15.64 25.51 8.07
CA SER A 258 -17.01 25.99 8.07
C SER A 258 -17.20 27.28 8.86
N LEU A 259 -16.13 27.83 9.42
CA LEU A 259 -16.21 29.02 10.27
C LEU A 259 -15.32 30.14 9.73
N GLN A 260 -15.10 30.16 8.43
CA GLN A 260 -14.22 31.15 7.80
C GLN A 260 -12.84 31.14 8.47
N GLY A 261 -12.34 29.93 8.73
CA GLY A 261 -11.04 29.74 9.34
C GLY A 261 -11.08 29.48 10.83
N GLY A 262 -12.11 29.97 11.52
CA GLY A 262 -12.27 29.70 12.92
C GLY A 262 -11.34 30.45 13.84
N GLN A 263 -10.67 31.49 13.35
CA GLN A 263 -9.73 32.27 14.14
C GLN A 263 -10.27 33.69 14.33
N GLY A 264 -10.14 34.21 15.54
CA GLY A 264 -10.54 35.56 15.84
C GLY A 264 -11.93 35.63 16.46
N PRO A 265 -12.16 36.63 17.33
CA PRO A 265 -13.48 36.78 17.97
C PRO A 265 -14.50 37.53 17.10
N ALA A 266 -15.10 36.81 16.16
CA ALA A 266 -16.14 37.37 15.33
C ALA A 266 -17.31 36.38 15.23
N PRO A 267 -18.55 36.88 15.22
CA PRO A 267 -19.68 35.95 15.06
C PRO A 267 -19.62 35.21 13.74
N ARG A 268 -19.99 33.93 13.78
CA ARG A 268 -19.99 33.07 12.61
C ARG A 268 -21.36 32.44 12.44
N ARG A 269 -21.74 32.22 11.20
CA ARG A 269 -23.01 31.57 10.84
C ARG A 269 -22.72 30.50 9.82
N PRO A 270 -22.31 29.31 10.26
CA PRO A 270 -22.00 28.23 9.31
C PRO A 270 -23.21 27.69 8.59
N TRP A 271 -24.42 28.02 9.05
CA TRP A 271 -25.65 27.61 8.39
C TRP A 271 -26.14 28.62 7.36
N GLU A 272 -25.49 29.78 7.25
CA GLU A 272 -25.89 30.83 6.33
C GLU A 272 -25.17 30.62 5.01
N ARG A 273 -25.90 30.20 3.98
CA ARG A 273 -25.34 29.91 2.68
C ARG A 273 -25.90 30.80 1.58
N GLY A 274 -26.78 31.73 1.90
CA GLY A 274 -27.38 32.56 0.86
C GLY A 274 -28.15 31.76 -0.16
N ASP A 275 -28.83 30.71 0.28
CA ASP A 275 -29.56 29.82 -0.61
C ASP A 275 -31.06 30.05 -0.57
N GLY A 276 -31.56 30.77 0.43
CA GLY A 276 -32.98 30.81 0.71
C GLY A 276 -33.44 29.72 1.65
N GLN A 277 -32.64 28.67 1.80
CA GLN A 277 -32.87 27.63 2.80
C GLN A 277 -32.03 27.93 4.04
N ASP A 278 -32.37 29.04 4.69
CA ASP A 278 -31.66 29.50 5.87
C ASP A 278 -32.52 29.53 7.13
N VAL A 279 -33.79 29.89 7.02
CA VAL A 279 -34.66 29.81 8.18
C VAL A 279 -34.71 28.38 8.69
N SER A 280 -34.74 27.41 7.79
CA SER A 280 -34.71 26.02 8.19
C SER A 280 -33.32 25.60 8.66
N ALA A 281 -32.28 26.14 8.02
CA ALA A 281 -30.91 25.78 8.40
C ALA A 281 -30.60 26.21 9.82
N ARG A 282 -31.04 27.40 10.22
CA ARG A 282 -30.80 27.85 11.59
C ARG A 282 -31.47 26.93 12.59
N GLN A 283 -32.70 26.51 12.32
CA GLN A 283 -33.40 25.61 13.23
C GLN A 283 -32.78 24.23 13.26
N ALA A 284 -32.03 23.85 12.21
CA ALA A 284 -31.40 22.54 12.15
C ALA A 284 -30.00 22.51 12.75
N PHE A 285 -29.42 23.68 13.02
CA PHE A 285 -28.13 23.75 13.70
C PHE A 285 -28.26 24.02 15.19
N GLN A 286 -29.49 24.05 15.72
CA GLN A 286 -29.67 24.18 17.16
C GLN A 286 -29.33 22.90 17.89
N ALA A 287 -29.06 21.81 17.18
CA ALA A 287 -28.68 20.54 17.76
C ALA A 287 -27.29 20.09 17.28
N ALA A 288 -26.45 21.05 16.88
CA ALA A 288 -25.14 20.74 16.33
C ALA A 288 -24.09 21.59 17.02
N LYS A 289 -23.00 20.96 17.42
CA LYS A 289 -21.83 21.62 17.96
C LYS A 289 -20.64 21.33 17.06
N ILE A 290 -19.63 22.19 17.10
CA ILE A 290 -18.49 22.08 16.20
C ILE A 290 -17.21 21.96 17.02
N ILE A 291 -16.38 20.98 16.68
CA ILE A 291 -15.12 20.71 17.36
C ILE A 291 -14.00 21.12 16.42
N THR A 292 -13.11 22.00 16.88
CA THR A 292 -11.99 22.46 16.06
C THR A 292 -10.71 22.46 16.88
N TYR A 293 -9.60 22.65 16.21
CA TYR A 293 -8.37 22.99 16.91
C TYR A 293 -8.57 24.31 17.63
N LYS A 294 -7.64 24.62 18.53
CA LYS A 294 -7.73 25.81 19.35
C LYS A 294 -6.78 26.88 18.83
N ASP A 295 -7.28 28.09 18.70
CA ASP A 295 -6.45 29.22 18.33
C ASP A 295 -5.53 29.60 19.48
N PRO A 296 -4.22 29.66 19.28
CA PRO A 296 -3.35 30.27 20.30
C PRO A 296 -3.79 31.70 20.57
N ASP A 297 -3.88 32.06 21.85
CA ASP A 297 -4.48 33.32 22.25
C ASP A 297 -3.48 34.20 22.97
N ASN A 298 -2.27 34.31 22.43
CA ASN A 298 -1.23 35.13 23.01
C ASN A 298 -0.71 36.12 21.98
N PRO A 299 -0.16 37.26 22.40
CA PRO A 299 0.34 38.24 21.42
C PRO A 299 1.45 37.71 20.54
N GLU A 300 2.28 36.81 21.06
CA GLU A 300 3.42 36.33 20.28
C GLU A 300 2.95 35.64 18.99
N TYR A 301 1.88 34.85 19.08
CA TYR A 301 1.36 34.21 17.89
C TYR A 301 0.84 35.23 16.88
N LEU A 302 0.16 36.28 17.37
CA LEU A 302 -0.34 37.30 16.46
C LEU A 302 0.80 38.00 15.73
N GLU A 303 1.86 38.35 16.45
CA GLU A 303 3.01 38.99 15.79
C GLU A 303 3.68 38.02 14.82
N PHE A 304 3.80 36.75 15.21
CA PHE A 304 4.40 35.76 14.32
C PHE A 304 3.63 35.65 13.02
N LEU A 305 2.29 35.61 13.11
CA LEU A 305 1.48 35.59 11.89
C LEU A 305 1.65 36.87 11.09
N LYS A 306 1.68 38.01 11.78
CA LYS A 306 1.81 39.29 11.09
C LYS A 306 3.04 39.30 10.20
N GLN A 307 4.17 38.86 10.72
CA GLN A 307 5.39 38.86 9.91
C GLN A 307 5.52 37.63 9.01
N LEU A 308 4.90 36.51 9.36
CA LEU A 308 4.94 35.33 8.50
C LEU A 308 4.21 35.58 7.20
N LYS A 309 3.05 36.24 7.26
CA LYS A 309 2.31 36.54 6.04
C LYS A 309 3.12 37.44 5.13
N HIS A 310 3.75 38.47 5.70
CA HIS A 310 4.56 39.39 4.91
C HIS A 310 5.73 38.65 4.26
N LEU A 311 6.42 37.82 5.02
CA LEU A 311 7.56 37.10 4.45
C LEU A 311 7.12 36.12 3.37
N ALA A 312 6.00 35.43 3.59
CA ALA A 312 5.50 34.53 2.57
C ALA A 312 5.23 35.27 1.27
N TYR A 313 4.52 36.40 1.36
CA TYR A 313 4.25 37.17 0.14
C TYR A 313 5.53 37.64 -0.52
N GLU A 314 6.48 38.15 0.27
CA GLU A 314 7.70 38.71 -0.32
C GLU A 314 8.53 37.64 -1.01
N GLN A 315 8.81 36.54 -0.30
CA GLN A 315 9.81 35.58 -0.75
C GLN A 315 9.22 34.38 -1.50
N PHE A 316 7.89 34.27 -1.62
CA PHE A 316 7.31 33.10 -2.28
C PHE A 316 6.17 33.43 -3.23
N ASN A 317 5.79 34.69 -3.39
CA ASN A 317 4.67 35.06 -4.25
C ASN A 317 3.41 34.30 -3.85
N PHE A 318 3.19 34.18 -2.55
CA PHE A 318 2.03 33.50 -1.99
C PHE A 318 1.41 34.39 -0.93
N THR A 319 0.08 34.51 -0.97
CA THR A 319 -0.65 35.31 0.00
C THR A 319 -1.42 34.37 0.92
N MET A 320 -1.16 34.45 2.22
CA MET A 320 -1.73 33.54 3.19
C MET A 320 -3.02 34.12 3.76
N GLU A 321 -4.09 33.32 3.74
CA GLU A 321 -5.36 33.71 4.33
C GLU A 321 -5.42 33.18 5.75
N ASP A 322 -5.79 34.04 6.69
CA ASP A 322 -5.76 33.67 8.09
C ASP A 322 -6.74 32.54 8.38
N GLY A 323 -6.40 31.74 9.38
CA GLY A 323 -7.22 30.59 9.74
C GLY A 323 -6.51 29.76 10.79
N LEU A 324 -6.99 28.54 10.98
CA LEU A 324 -6.33 27.60 11.89
C LEU A 324 -5.24 26.80 11.20
N VAL A 325 -5.27 26.71 9.87
CA VAL A 325 -4.17 26.05 9.16
C VAL A 325 -2.85 26.73 9.48
N ASN A 326 -2.89 28.01 9.85
CA ASN A 326 -1.69 28.75 10.17
C ASN A 326 -1.00 28.22 11.43
N THR A 327 -1.64 27.33 12.18
CA THR A 327 -0.98 26.69 13.31
C THR A 327 -0.06 25.57 12.89
N ILE A 328 -0.14 25.10 11.65
CA ILE A 328 0.73 24.02 11.19
C ILE A 328 2.10 24.59 10.86
N PRO A 329 2.20 25.69 10.11
CA PRO A 329 3.52 26.34 9.99
C PRO A 329 4.12 26.72 11.33
N ALA A 330 3.32 27.28 12.23
CA ALA A 330 3.83 27.68 13.54
C ALA A 330 4.44 26.50 14.28
N SER A 331 3.78 25.34 14.21
CA SER A 331 4.34 24.14 14.83
C SER A 331 5.71 23.84 14.28
N PHE A 332 5.87 23.91 12.95
CA PHE A 332 7.19 23.69 12.37
C PHE A 332 8.20 24.70 12.90
N HIS A 333 7.75 25.93 13.18
CA HIS A 333 8.63 26.91 13.78
C HIS A 333 8.94 26.58 15.22
N ASP A 334 7.99 26.00 15.94
CA ASP A 334 8.21 25.65 17.34
C ASP A 334 9.05 24.38 17.45
N GLY A 335 8.63 23.32 16.76
CA GLY A 335 9.34 22.05 16.88
C GLY A 335 10.81 22.18 16.52
N LEU A 336 11.11 22.89 15.43
CA LEU A 336 12.51 23.05 15.03
C LEU A 336 13.29 23.83 16.08
N LEU A 337 12.65 24.75 16.79
CA LEU A 337 13.35 25.43 17.88
C LEU A 337 13.52 24.52 19.08
N LEU A 338 12.62 23.56 19.26
CA LEU A 338 12.81 22.56 20.32
C LEU A 338 14.00 21.67 20.00
N TYR A 339 14.05 21.13 18.78
CA TYR A 339 15.19 20.32 18.37
C TYR A 339 16.49 21.08 18.53
N ILE A 340 16.54 22.31 18.04
CA ILE A 340 17.76 23.10 18.13
C ILE A 340 18.16 23.27 19.59
N GLN A 341 17.20 23.29 20.51
CA GLN A 341 17.56 23.37 21.92
C GLN A 341 18.10 22.03 22.40
N ALA A 342 17.43 20.94 22.04
CA ALA A 342 17.89 19.62 22.46
C ALA A 342 19.32 19.38 22.01
N VAL A 343 19.59 19.57 20.71
CA VAL A 343 20.95 19.39 20.20
C VAL A 343 21.93 20.40 20.76
N THR A 344 21.44 21.46 21.40
CA THR A 344 22.34 22.37 22.12
C THR A 344 22.72 21.82 23.48
N GLU A 345 21.83 21.08 24.13
CA GLU A 345 22.15 20.48 25.42
C GLU A 345 23.04 19.27 25.25
N THR A 346 22.80 18.47 24.21
CA THR A 346 23.66 17.33 23.94
C THR A 346 25.10 17.76 23.78
N LEU A 347 25.35 18.78 22.95
CA LEU A 347 26.70 19.28 22.77
C LEU A 347 27.28 19.83 24.07
N ALA A 348 26.44 20.15 25.05
CA ALA A 348 26.90 20.64 26.34
C ALA A 348 27.27 19.54 27.31
N HIS A 349 27.01 18.28 26.95
CA HIS A 349 27.25 17.15 27.84
C HIS A 349 28.15 16.11 27.19
N GLY A 350 29.03 16.54 26.28
CA GLY A 350 29.98 15.65 25.66
C GLY A 350 29.45 14.86 24.48
N GLY A 351 28.23 15.13 24.04
CA GLY A 351 27.65 14.44 22.90
C GLY A 351 28.02 15.08 21.59
N THR A 352 27.37 14.60 20.52
CA THR A 352 27.57 15.14 19.19
C THR A 352 26.22 15.26 18.49
N VAL A 353 26.23 15.96 17.35
CA VAL A 353 24.99 16.23 16.64
C VAL A 353 24.38 14.97 16.03
N THR A 354 25.15 13.90 15.89
CA THR A 354 24.68 12.68 15.26
C THR A 354 24.11 11.68 16.25
N ASP A 355 24.05 12.02 17.54
CA ASP A 355 23.46 11.15 18.55
C ASP A 355 21.95 11.33 18.50
N GLY A 356 21.30 10.54 17.64
CA GLY A 356 19.86 10.65 17.51
C GLY A 356 19.13 10.30 18.79
N GLU A 357 19.56 9.23 19.46
CA GLU A 357 18.85 8.75 20.64
C GLU A 357 18.97 9.72 21.80
N ASN A 358 20.17 10.26 22.03
CA ASN A 358 20.34 11.20 23.14
C ASN A 358 19.65 12.52 22.86
N ILE A 359 19.61 12.95 21.60
CA ILE A 359 18.91 14.19 21.25
C ILE A 359 17.41 14.01 21.44
N THR A 360 16.86 12.91 20.92
CA THR A 360 15.42 12.72 20.98
C THR A 360 14.93 12.57 22.42
N GLN A 361 15.70 11.90 23.27
CA GLN A 361 15.31 11.76 24.67
C GLN A 361 15.21 13.11 25.37
N ARG A 362 15.84 14.14 24.82
CA ARG A 362 15.78 15.48 25.40
C ARG A 362 14.69 16.34 24.78
N MET A 363 13.90 15.80 23.85
CA MET A 363 12.76 16.50 23.29
C MET A 363 11.43 16.01 23.83
N TRP A 364 11.33 14.71 24.14
CA TRP A 364 10.10 14.14 24.63
C TRP A 364 9.97 14.35 26.13
N ASN A 365 8.80 14.12 26.69
CA ASN A 365 8.52 14.26 28.13
C ASN A 365 8.97 15.63 28.67
N ARG A 366 9.02 16.71 27.90
CA ARG A 366 9.43 18.01 28.41
C ARG A 366 8.53 19.08 27.82
N SER A 367 8.51 20.24 28.47
CA SER A 367 7.72 21.38 28.03
C SER A 367 8.61 22.44 27.42
N PHE A 368 8.04 23.19 26.47
CA PHE A 368 8.75 24.19 25.71
C PHE A 368 7.89 25.44 25.59
N GLN A 369 8.54 26.57 25.40
CA GLN A 369 7.87 27.86 25.23
C GLN A 369 8.05 28.31 23.79
N GLY A 370 6.96 28.36 23.04
CA GLY A 370 7.00 28.79 21.66
C GLY A 370 5.97 29.85 21.34
N VAL A 371 5.83 30.19 20.05
CA VAL A 371 4.83 31.17 19.67
C VAL A 371 3.42 30.66 19.95
N THR A 372 3.21 29.35 19.82
CA THR A 372 1.90 28.75 20.03
C THR A 372 1.63 28.43 21.50
N GLY A 373 2.35 29.09 22.41
CA GLY A 373 2.11 28.93 23.83
C GLY A 373 3.12 28.01 24.49
N TYR A 374 2.73 27.51 25.65
CA TYR A 374 3.55 26.56 26.41
C TYR A 374 3.12 25.15 26.02
N LEU A 375 3.92 24.52 25.17
CA LEU A 375 3.57 23.20 24.66
C LEU A 375 4.27 22.09 25.45
N LYS A 376 3.69 20.90 25.37
CA LYS A 376 4.16 19.72 26.08
C LYS A 376 4.30 18.59 25.07
N ILE A 377 5.44 17.91 25.09
CA ILE A 377 5.68 16.73 24.27
C ILE A 377 5.57 15.53 25.20
N ASP A 378 4.53 14.72 25.02
CA ASP A 378 4.30 13.61 25.93
C ASP A 378 5.45 12.62 25.85
N SER A 379 5.43 11.62 26.74
CA SER A 379 6.53 10.68 26.84
C SER A 379 6.68 9.80 25.61
N SER A 380 5.68 9.78 24.72
CA SER A 380 5.77 8.98 23.50
C SER A 380 6.25 9.78 22.30
N GLY A 381 6.38 11.09 22.41
CA GLY A 381 6.91 11.91 21.34
C GLY A 381 5.89 12.68 20.54
N ASP A 382 4.64 12.73 20.97
CA ASP A 382 3.60 13.49 20.29
C ASP A 382 3.20 14.68 21.14
N ARG A 383 2.89 15.80 20.49
CA ARG A 383 2.50 16.99 21.23
C ARG A 383 1.09 16.84 21.79
N GLU A 384 0.88 17.40 22.98
CA GLU A 384 -0.44 17.40 23.60
C GLU A 384 -1.26 18.55 23.02
N THR A 385 -2.32 18.20 22.29
CA THR A 385 -3.08 19.16 21.52
C THR A 385 -4.23 19.75 22.34
N ASP A 386 -4.59 20.99 22.02
CA ASP A 386 -5.71 21.68 22.64
C ASP A 386 -6.84 21.82 21.64
N PHE A 387 -8.08 21.83 22.15
CA PHE A 387 -9.25 21.83 21.27
C PHE A 387 -10.25 22.87 21.73
N SER A 388 -11.20 23.19 20.83
CA SER A 388 -12.26 24.15 21.13
C SER A 388 -13.60 23.58 20.68
N LEU A 389 -14.63 23.87 21.47
CA LEU A 389 -16.00 23.48 21.18
C LEU A 389 -16.84 24.74 21.01
N TRP A 390 -17.48 24.85 19.84
CA TRP A 390 -18.32 25.96 19.42
C TRP A 390 -19.78 25.56 19.47
N ASP A 391 -20.62 26.45 19.99
CA ASP A 391 -22.05 26.22 20.14
C ASP A 391 -22.81 27.49 19.75
N MET A 392 -24.06 27.31 19.34
CA MET A 392 -24.89 28.39 18.83
C MET A 392 -25.40 29.29 19.95
N ASP A 393 -25.75 30.53 19.57
CA ASP A 393 -26.32 31.50 20.50
C ASP A 393 -27.83 31.56 20.32
N PRO A 394 -28.62 31.28 21.36
CA PRO A 394 -30.09 31.36 21.16
C PRO A 394 -30.56 32.73 20.72
N GLU A 395 -29.94 33.80 21.22
CA GLU A 395 -30.42 35.14 20.92
C GLU A 395 -30.12 35.54 19.49
N ASN A 396 -28.88 35.29 19.02
CA ASN A 396 -28.43 35.79 17.73
C ASN A 396 -28.24 34.71 16.68
N GLY A 397 -28.03 33.46 17.07
CA GLY A 397 -27.81 32.41 16.11
C GLY A 397 -26.38 32.31 15.60
N ALA A 398 -25.48 33.14 16.09
CA ALA A 398 -24.08 33.06 15.70
C ALA A 398 -23.36 31.99 16.52
N PHE A 399 -22.25 31.50 15.97
CA PHE A 399 -21.44 30.50 16.62
C PHE A 399 -20.22 31.15 17.27
N ARG A 400 -19.83 30.71 18.46
CA ARG A 400 -18.66 31.25 19.19
C ARG A 400 -18.10 30.15 20.06
N VAL A 401 -16.81 30.14 20.34
CA VAL A 401 -16.20 29.15 21.22
C VAL A 401 -16.83 29.24 22.60
N VAL A 402 -17.31 28.09 23.10
CA VAL A 402 -17.84 28.01 24.46
C VAL A 402 -16.92 27.22 25.37
N LEU A 403 -16.28 26.17 24.86
CA LEU A 403 -15.41 25.35 25.71
C LEU A 403 -14.01 25.24 25.12
N ASN A 404 -13.01 25.18 26.00
CA ASN A 404 -11.62 25.00 25.62
C ASN A 404 -11.05 23.79 26.36
N TYR A 405 -10.10 23.11 25.71
CA TYR A 405 -9.53 21.88 26.25
C TYR A 405 -8.01 21.96 26.18
N ASN A 406 -7.36 21.90 27.35
CA ASN A 406 -5.91 21.90 27.49
C ASN A 406 -5.42 20.46 27.49
N GLY A 407 -4.68 20.08 26.44
CA GLY A 407 -4.20 18.71 26.35
C GLY A 407 -3.25 18.34 27.46
N THR A 408 -2.43 19.29 27.92
CA THR A 408 -1.43 18.99 28.94
C THR A 408 -2.10 18.58 30.25
N SER A 409 -3.02 19.40 30.74
CA SER A 409 -3.68 19.13 32.00
C SER A 409 -4.95 18.32 31.85
N GLN A 410 -5.50 18.22 30.64
CA GLN A 410 -6.70 17.43 30.36
C GLN A 410 -7.90 17.98 31.12
N GLU A 411 -8.20 19.25 30.87
CA GLU A 411 -9.30 19.95 31.55
C GLU A 411 -10.15 20.68 30.53
N LEU A 412 -11.44 20.79 30.84
CA LEU A 412 -12.38 21.58 30.05
C LEU A 412 -12.69 22.87 30.80
N VAL A 413 -12.56 24.00 30.11
CA VAL A 413 -12.71 25.31 30.71
C VAL A 413 -13.76 26.10 29.92
N ALA A 414 -14.70 26.70 30.65
CA ALA A 414 -15.69 27.57 30.04
C ALA A 414 -15.06 28.92 29.73
N VAL A 415 -15.57 29.56 28.67
CA VAL A 415 -14.96 30.77 28.12
C VAL A 415 -15.92 31.93 28.35
N SER A 416 -15.41 32.97 29.04
CA SER A 416 -16.11 34.26 29.16
C SER A 416 -17.54 34.07 29.65
N GLY A 417 -17.72 33.17 30.61
CA GLY A 417 -19.04 32.96 31.18
C GLY A 417 -20.08 32.55 30.16
N ARG A 418 -19.74 31.60 29.30
CA ARG A 418 -20.68 31.03 28.33
C ARG A 418 -20.94 29.58 28.68
N LYS A 419 -22.21 29.19 28.65
CA LYS A 419 -22.63 27.84 28.95
C LYS A 419 -23.18 27.17 27.69
N LEU A 420 -22.94 25.87 27.57
CA LEU A 420 -23.43 25.13 26.42
C LEU A 420 -24.94 25.29 26.31
N ASN A 421 -25.42 25.58 25.11
CA ASN A 421 -26.83 25.85 24.87
C ASN A 421 -27.53 24.55 24.50
N TRP A 422 -28.22 23.95 25.47
CA TRP A 422 -29.01 22.75 25.23
C TRP A 422 -30.49 23.14 25.18
N PRO A 423 -31.22 22.82 24.11
CA PRO A 423 -32.64 23.22 24.07
C PRO A 423 -33.44 22.68 25.24
N LEU A 424 -33.14 21.47 25.69
CA LEU A 424 -33.83 20.87 26.83
C LEU A 424 -33.34 21.41 28.17
N GLY A 425 -32.26 22.19 28.18
CA GLY A 425 -31.67 22.69 29.39
C GLY A 425 -30.55 21.84 29.96
N TYR A 426 -30.49 20.58 29.58
CA TYR A 426 -29.44 19.67 29.99
C TYR A 426 -29.12 18.75 28.82
N PRO A 427 -27.94 18.13 28.81
CA PRO A 427 -27.58 17.28 27.69
C PRO A 427 -28.54 16.13 27.56
N PRO A 428 -28.81 15.66 26.35
CA PRO A 428 -29.66 14.49 26.18
C PRO A 428 -28.95 13.24 26.64
N PRO A 429 -29.68 12.16 26.92
CA PRO A 429 -29.02 10.89 27.25
C PRO A 429 -28.45 10.22 26.02
N ASP A 430 -27.28 9.61 26.19
CA ASP A 430 -26.67 8.83 25.11
C ASP A 430 -27.43 7.55 24.82
N ILE A 431 -28.37 7.17 25.67
CA ILE A 431 -29.25 6.03 25.43
C ILE A 431 -30.64 6.41 25.93
N PRO A 432 -31.65 6.52 25.07
CA PRO A 432 -32.95 7.00 25.52
C PRO A 432 -33.72 5.95 26.29
N LYS A 433 -34.55 6.42 27.22
CA LYS A 433 -35.40 5.52 27.99
C LYS A 433 -36.33 4.76 27.04
N CYS A 434 -36.42 3.45 27.24
CA CYS A 434 -37.19 2.59 26.35
C CYS A 434 -36.72 2.77 24.91
N GLY A 435 -35.40 2.90 24.74
CA GLY A 435 -34.81 3.18 23.45
C GLY A 435 -34.38 1.93 22.71
N PHE A 436 -33.78 2.17 21.55
CA PHE A 436 -33.27 1.11 20.69
C PHE A 436 -32.44 0.11 21.49
N GLY B 12 38.05 -5.37 -15.06
CA GLY B 12 37.44 -4.75 -13.84
C GLY B 12 36.66 -5.75 -13.02
N ASN B 13 35.84 -5.24 -12.10
CA ASN B 13 35.00 -6.07 -11.24
C ASN B 13 33.55 -5.67 -11.45
N LEU B 14 32.71 -6.67 -11.71
CA LEU B 14 31.28 -6.46 -11.93
C LEU B 14 30.53 -7.04 -10.74
N THR B 15 29.75 -6.20 -10.08
CA THR B 15 29.03 -6.57 -8.86
C THR B 15 27.56 -6.79 -9.17
N VAL B 16 27.02 -7.91 -8.71
CA VAL B 16 25.61 -8.24 -8.86
C VAL B 16 24.97 -8.19 -7.48
N ALA B 17 23.90 -7.41 -7.35
CA ALA B 17 23.22 -7.22 -6.08
C ALA B 17 21.98 -8.10 -6.03
N VAL B 18 21.89 -8.93 -4.98
CA VAL B 18 20.82 -9.90 -4.84
C VAL B 18 19.93 -9.48 -3.68
N VAL B 19 18.62 -9.41 -3.92
CA VAL B 19 17.64 -9.12 -2.88
C VAL B 19 16.61 -10.23 -2.94
N LEU B 20 16.84 -11.29 -2.17
CA LEU B 20 16.00 -12.48 -2.18
C LEU B 20 15.90 -13.00 -0.76
N PRO B 21 14.91 -13.86 -0.47
CA PRO B 21 14.86 -14.49 0.86
C PRO B 21 16.11 -15.29 1.14
N LEU B 22 16.91 -14.85 2.12
CA LEU B 22 18.20 -15.47 2.37
C LEU B 22 18.12 -16.65 3.33
N ALA B 23 17.12 -16.69 4.21
CA ALA B 23 17.05 -17.72 5.23
C ALA B 23 15.68 -18.39 5.34
N ASN B 24 14.82 -18.25 4.35
CA ASN B 24 13.47 -18.84 4.41
C ASN B 24 13.32 -19.69 3.15
N THR B 25 13.65 -20.97 3.26
CA THR B 25 13.74 -21.87 2.11
C THR B 25 12.36 -22.45 1.76
N SER B 26 11.41 -21.56 1.47
CA SER B 26 10.05 -21.99 1.17
C SER B 26 9.45 -21.27 -0.02
N TYR B 27 10.22 -20.46 -0.73
CA TYR B 27 9.77 -19.77 -1.93
C TYR B 27 10.45 -20.37 -3.15
N PRO B 28 9.80 -20.35 -4.32
CA PRO B 28 10.50 -20.84 -5.52
C PRO B 28 11.69 -19.98 -5.92
N TRP B 29 11.75 -18.74 -5.43
CA TRP B 29 12.89 -17.85 -5.66
C TRP B 29 13.74 -17.68 -4.41
N SER B 30 13.59 -18.57 -3.44
CA SER B 30 14.38 -18.47 -2.22
C SER B 30 15.86 -18.66 -2.55
N TRP B 31 16.71 -17.91 -1.84
CA TRP B 31 18.14 -18.03 -2.08
C TRP B 31 18.65 -19.44 -1.86
N ALA B 32 17.95 -20.25 -1.07
CA ALA B 32 18.41 -21.62 -0.83
C ALA B 32 18.45 -22.42 -2.12
N ARG B 33 17.54 -22.14 -3.06
CA ARG B 33 17.50 -22.86 -4.32
C ARG B 33 17.91 -22.01 -5.52
N VAL B 34 17.97 -20.68 -5.38
CA VAL B 34 18.46 -19.84 -6.45
C VAL B 34 19.97 -19.61 -6.34
N GLY B 35 20.56 -19.78 -5.16
CA GLY B 35 21.97 -19.55 -4.98
C GLY B 35 22.82 -20.51 -5.76
N PRO B 36 22.50 -21.80 -5.71
CA PRO B 36 23.23 -22.76 -6.56
C PRO B 36 23.10 -22.46 -8.04
N ALA B 37 21.94 -21.96 -8.49
CA ALA B 37 21.76 -21.63 -9.89
C ALA B 37 22.69 -20.49 -10.30
N VAL B 38 22.73 -19.43 -9.50
CA VAL B 38 23.62 -18.30 -9.78
C VAL B 38 25.07 -18.76 -9.74
N GLU B 39 25.41 -19.64 -8.79
CA GLU B 39 26.78 -20.12 -8.70
C GLU B 39 27.17 -20.93 -9.93
N LEU B 40 26.27 -21.78 -10.41
CA LEU B 40 26.54 -22.54 -11.63
C LEU B 40 26.70 -21.60 -12.82
N ALA B 41 25.84 -20.59 -12.92
CA ALA B 41 25.96 -19.63 -14.00
C ALA B 41 27.32 -18.94 -13.98
N LEU B 42 27.74 -18.46 -12.81
CA LEU B 42 29.01 -17.75 -12.71
C LEU B 42 30.18 -18.67 -12.99
N ALA B 43 30.10 -19.93 -12.56
CA ALA B 43 31.14 -20.89 -12.92
C ALA B 43 31.17 -21.14 -14.42
N GLN B 44 30.02 -21.07 -15.08
CA GLN B 44 30.00 -21.20 -16.54
C GLN B 44 30.59 -19.99 -17.23
N VAL B 45 30.40 -18.79 -16.65
CA VAL B 45 30.97 -17.58 -17.24
C VAL B 45 32.48 -17.67 -17.25
N LYS B 46 33.07 -18.11 -16.14
CA LYS B 46 34.53 -18.20 -16.05
C LYS B 46 35.07 -19.22 -17.05
N ALA B 47 34.37 -20.35 -17.21
CA ALA B 47 34.84 -21.38 -18.12
C ALA B 47 34.93 -20.87 -19.55
N ARG B 48 33.92 -20.13 -19.99
CA ARG B 48 33.89 -19.64 -21.37
C ARG B 48 34.76 -18.39 -21.50
N PRO B 49 35.79 -18.40 -22.36
CA PRO B 49 36.52 -17.16 -22.63
C PRO B 49 35.75 -16.17 -23.48
N ASP B 50 34.61 -16.56 -24.03
CA ASP B 50 33.81 -15.70 -24.88
C ASP B 50 32.84 -14.82 -24.11
N LEU B 51 32.80 -14.94 -22.79
CA LEU B 51 31.92 -14.12 -21.94
C LEU B 51 32.78 -13.26 -21.03
N LEU B 52 32.58 -11.94 -21.11
CA LEU B 52 33.26 -10.97 -20.25
C LEU B 52 34.72 -11.37 -20.04
N PRO B 53 35.54 -11.37 -21.09
CA PRO B 53 36.95 -11.74 -20.91
C PRO B 53 37.66 -10.81 -19.95
N GLY B 54 38.47 -11.39 -19.07
CA GLY B 54 39.22 -10.59 -18.13
C GLY B 54 38.36 -9.78 -17.18
N TRP B 55 37.30 -10.39 -16.65
CA TRP B 55 36.44 -9.74 -15.67
C TRP B 55 36.07 -10.76 -14.61
N THR B 56 35.79 -10.28 -13.41
CA THR B 56 35.32 -11.11 -12.31
C THR B 56 33.95 -10.64 -11.86
N VAL B 57 33.01 -11.56 -11.76
CA VAL B 57 31.66 -11.26 -11.33
C VAL B 57 31.53 -11.63 -9.86
N ARG B 58 30.92 -10.74 -9.08
CA ARG B 58 30.75 -10.93 -7.65
C ARG B 58 29.31 -10.68 -7.27
N THR B 59 28.84 -11.41 -6.26
CA THR B 59 27.50 -11.26 -5.74
C THR B 59 27.56 -10.74 -4.32
N VAL B 60 26.71 -9.77 -4.01
CA VAL B 60 26.54 -9.25 -2.66
C VAL B 60 25.08 -9.42 -2.27
N LEU B 61 24.85 -9.99 -1.10
CA LEU B 61 23.54 -10.51 -0.72
C LEU B 61 22.82 -9.57 0.22
N GLY B 62 21.53 -9.35 -0.06
CA GLY B 62 20.65 -8.65 0.85
C GLY B 62 19.35 -9.41 0.98
N SER B 63 18.74 -9.30 2.15
CA SER B 63 17.57 -10.09 2.46
C SER B 63 16.30 -9.29 2.22
N SER B 64 15.28 -9.96 1.70
CA SER B 64 14.04 -9.32 1.29
C SER B 64 12.89 -9.55 2.25
N GLU B 65 13.20 -9.95 3.48
CA GLU B 65 12.18 -10.37 4.44
C GLU B 65 12.35 -9.65 5.76
N ASN B 66 11.25 -9.56 6.50
CA ASN B 66 11.21 -8.89 7.78
C ASN B 66 11.58 -9.88 8.90
N ALA B 67 11.38 -9.47 10.15
CA ALA B 67 11.77 -10.31 11.27
C ALA B 67 10.92 -11.57 11.39
N LEU B 68 9.76 -11.61 10.74
CA LEU B 68 8.92 -12.80 10.77
C LEU B 68 9.35 -13.85 9.77
N GLY B 69 10.27 -13.54 8.86
CA GLY B 69 10.76 -14.49 7.90
C GLY B 69 10.00 -14.56 6.60
N VAL B 70 9.15 -13.57 6.31
CA VAL B 70 8.34 -13.56 5.11
C VAL B 70 8.69 -12.33 4.28
N CYS B 71 8.20 -12.32 3.04
CA CYS B 71 8.30 -11.15 2.18
C CYS B 71 7.88 -9.90 2.94
N SER B 72 8.43 -8.76 2.53
CA SER B 72 7.93 -7.50 3.02
C SER B 72 8.33 -6.41 2.05
N ASP B 73 7.41 -5.49 1.79
CA ASP B 73 7.69 -4.34 0.96
C ASP B 73 8.36 -3.22 1.74
N THR B 74 8.58 -3.40 3.04
CA THR B 74 9.25 -2.41 3.87
C THR B 74 10.71 -2.78 4.16
N ALA B 75 11.11 -4.03 3.94
CA ALA B 75 12.48 -4.46 4.19
C ALA B 75 13.30 -4.59 2.91
N ALA B 76 12.68 -5.01 1.81
CA ALA B 76 13.40 -5.09 0.55
C ALA B 76 13.91 -3.74 0.09
N PRO B 77 13.14 -2.64 0.14
CA PRO B 77 13.72 -1.35 -0.24
C PRO B 77 14.88 -0.94 0.64
N LEU B 78 14.82 -1.24 1.94
CA LEU B 78 15.93 -0.91 2.82
C LEU B 78 17.18 -1.69 2.45
N ALA B 79 17.03 -2.99 2.17
CA ALA B 79 18.17 -3.79 1.76
C ALA B 79 18.75 -3.30 0.43
N ALA B 80 17.88 -2.93 -0.51
CA ALA B 80 18.35 -2.44 -1.79
C ALA B 80 19.12 -1.14 -1.64
N VAL B 81 18.61 -0.22 -0.81
CA VAL B 81 19.31 1.05 -0.60
C VAL B 81 20.66 0.81 0.05
N ASP B 82 20.70 -0.07 1.05
CA ASP B 82 21.97 -0.36 1.70
C ASP B 82 22.97 -0.94 0.73
N LEU B 83 22.54 -1.89 -0.12
CA LEU B 83 23.44 -2.48 -1.10
C LEU B 83 23.94 -1.42 -2.08
N LYS B 84 23.03 -0.58 -2.58
CA LYS B 84 23.42 0.45 -3.52
C LYS B 84 24.48 1.38 -2.92
N TRP B 85 24.26 1.83 -1.69
CA TRP B 85 25.21 2.75 -1.09
C TRP B 85 26.55 2.08 -0.81
N GLU B 86 26.52 0.87 -0.26
CA GLU B 86 27.77 0.26 0.20
C GLU B 86 28.62 -0.26 -0.96
N HIS B 87 28.00 -0.92 -1.95
CA HIS B 87 28.75 -1.65 -2.96
C HIS B 87 28.66 -1.06 -4.35
N ASN B 88 27.61 -0.31 -4.66
CA ASN B 88 27.47 0.28 -5.98
C ASN B 88 27.40 -0.80 -7.05
N PRO B 89 26.33 -1.60 -7.07
CA PRO B 89 26.23 -2.69 -8.04
C PRO B 89 25.97 -2.19 -9.45
N ALA B 90 26.24 -3.07 -10.41
CA ALA B 90 25.94 -2.79 -11.81
C ALA B 90 24.55 -3.29 -12.21
N VAL B 91 24.06 -4.32 -11.55
CA VAL B 91 22.76 -4.91 -11.84
C VAL B 91 22.18 -5.45 -10.55
N PHE B 92 20.85 -5.47 -10.46
CA PHE B 92 20.15 -6.05 -9.33
C PHE B 92 19.51 -7.35 -9.77
N LEU B 93 19.81 -8.43 -9.05
CA LEU B 93 19.07 -9.69 -9.21
C LEU B 93 17.85 -9.64 -8.31
N GLY B 94 16.98 -8.68 -8.64
CA GLY B 94 16.04 -8.14 -7.69
C GLY B 94 15.05 -9.15 -7.20
N PRO B 95 14.10 -8.67 -6.39
CA PRO B 95 13.14 -9.59 -5.76
C PRO B 95 12.27 -10.28 -6.79
N GLY B 96 11.85 -11.49 -6.44
CA GLY B 96 10.83 -12.20 -7.18
C GLY B 96 9.47 -12.08 -6.55
N CYS B 97 9.35 -11.37 -5.45
CA CYS B 97 8.13 -11.34 -4.66
C CYS B 97 7.33 -10.11 -5.07
N VAL B 98 6.02 -10.28 -5.19
CA VAL B 98 5.21 -9.26 -5.87
C VAL B 98 5.18 -7.95 -5.11
N TYR B 99 5.35 -7.99 -3.78
CA TYR B 99 5.20 -6.79 -2.97
C TYR B 99 6.53 -6.09 -2.71
N ALA B 100 7.63 -6.82 -2.64
CA ALA B 100 8.95 -6.20 -2.57
C ALA B 100 9.39 -5.69 -3.93
N ALA B 101 9.05 -6.44 -4.99
CA ALA B 101 9.53 -6.12 -6.32
C ALA B 101 9.08 -4.74 -6.76
N ALA B 102 7.87 -4.33 -6.39
CA ALA B 102 7.39 -3.02 -6.81
C ALA B 102 8.26 -1.89 -6.29
N PRO B 103 8.42 -1.68 -4.98
CA PRO B 103 9.31 -0.60 -4.52
C PRO B 103 10.76 -0.77 -4.96
N VAL B 104 11.29 -1.99 -4.98
CA VAL B 104 12.68 -2.13 -5.40
C VAL B 104 12.84 -1.73 -6.87
N GLY B 105 11.88 -2.12 -7.71
CA GLY B 105 11.96 -1.76 -9.11
C GLY B 105 11.80 -0.27 -9.34
N ARG B 106 10.94 0.38 -8.56
CA ARG B 106 10.84 1.84 -8.66
C ARG B 106 12.16 2.51 -8.29
N PHE B 107 12.80 2.04 -7.21
CA PHE B 107 14.08 2.62 -6.83
C PHE B 107 15.12 2.42 -7.93
N THR B 108 15.23 1.22 -8.48
CA THR B 108 16.26 0.96 -9.47
C THR B 108 15.96 1.67 -10.79
N ALA B 109 14.68 1.87 -11.12
CA ALA B 109 14.34 2.69 -12.26
C ALA B 109 14.80 4.13 -12.04
N HIS B 110 14.65 4.64 -10.82
CA HIS B 110 15.16 5.97 -10.52
C HIS B 110 16.67 6.04 -10.66
N TRP B 111 17.39 5.04 -10.16
CA TRP B 111 18.84 5.05 -10.24
C TRP B 111 19.38 4.72 -11.63
N ARG B 112 18.51 4.30 -12.56
CA ARG B 112 18.92 3.93 -13.91
C ARG B 112 19.82 2.70 -13.89
N VAL B 113 19.40 1.67 -13.15
CA VAL B 113 20.14 0.43 -13.02
C VAL B 113 19.25 -0.72 -13.48
N PRO B 114 19.74 -1.67 -14.27
CA PRO B 114 18.90 -2.80 -14.67
C PRO B 114 18.50 -3.66 -13.48
N LEU B 115 17.38 -4.35 -13.64
CA LEU B 115 16.87 -5.25 -12.61
C LEU B 115 16.38 -6.53 -13.27
N LEU B 116 17.12 -7.63 -13.06
CA LEU B 116 16.71 -8.93 -13.54
C LEU B 116 15.87 -9.64 -12.50
N THR B 117 14.81 -10.31 -12.95
CA THR B 117 14.05 -11.14 -12.03
C THR B 117 13.33 -12.24 -12.81
N ALA B 118 13.24 -13.42 -12.19
CA ALA B 118 12.38 -14.48 -12.68
C ALA B 118 11.12 -14.63 -11.84
N GLY B 119 10.90 -13.72 -10.89
CA GLY B 119 9.65 -13.66 -10.17
C GLY B 119 8.90 -12.38 -10.51
N ALA B 120 8.21 -11.81 -9.54
CA ALA B 120 7.46 -10.57 -9.74
C ALA B 120 6.61 -10.63 -11.01
N PRO B 121 5.72 -11.62 -11.13
CA PRO B 121 4.94 -11.79 -12.35
C PRO B 121 3.68 -10.95 -12.42
N ALA B 122 3.40 -10.11 -11.43
CA ALA B 122 2.15 -9.37 -11.40
C ALA B 122 2.00 -8.53 -12.67
N LEU B 123 0.78 -8.02 -12.87
CA LEU B 123 0.49 -7.25 -14.07
C LEU B 123 1.09 -5.85 -13.98
N GLY B 124 1.07 -5.24 -12.79
CA GLY B 124 1.53 -3.87 -12.65
C GLY B 124 3.01 -3.68 -12.89
N PHE B 125 3.80 -4.75 -12.79
CA PHE B 125 5.24 -4.65 -12.98
C PHE B 125 5.64 -4.53 -14.44
N GLY B 126 4.72 -4.75 -15.37
CA GLY B 126 5.01 -4.74 -16.79
C GLY B 126 4.80 -3.42 -17.49
N VAL B 127 4.51 -2.34 -16.76
CA VAL B 127 4.36 -1.01 -17.35
C VAL B 127 5.74 -0.37 -17.34
N LYS B 128 6.50 -0.63 -18.40
CA LYS B 128 7.90 -0.21 -18.45
C LYS B 128 8.08 1.30 -18.54
N ASP B 129 6.99 2.08 -18.51
CA ASP B 129 7.14 3.52 -18.37
C ASP B 129 7.53 3.89 -16.94
N GLU B 130 6.93 3.22 -15.96
CA GLU B 130 7.24 3.44 -14.56
C GLU B 130 8.37 2.56 -14.07
N TYR B 131 8.52 1.37 -14.63
CA TYR B 131 9.57 0.42 -14.27
C TYR B 131 10.55 0.35 -15.44
N ALA B 132 11.49 1.28 -15.48
CA ALA B 132 12.44 1.37 -16.57
C ALA B 132 13.62 0.44 -16.32
N LEU B 133 14.04 -0.26 -17.37
CA LEU B 133 15.23 -1.10 -17.40
C LEU B 133 15.03 -2.46 -16.74
N THR B 134 13.81 -2.83 -16.32
CA THR B 134 13.59 -4.09 -15.65
C THR B 134 13.30 -5.19 -16.65
N THR B 135 13.89 -6.37 -16.43
CA THR B 135 13.72 -7.52 -17.30
C THR B 135 13.21 -8.69 -16.48
N ARG B 136 12.16 -9.34 -16.99
CA ARG B 136 11.58 -10.53 -16.38
C ARG B 136 12.00 -11.73 -17.23
N ALA B 137 12.92 -12.54 -16.70
CA ALA B 137 13.39 -13.72 -17.40
C ALA B 137 12.57 -14.96 -17.06
N GLY B 138 11.53 -14.81 -16.26
CA GLY B 138 10.70 -15.93 -15.87
C GLY B 138 9.26 -15.74 -16.29
N PRO B 139 8.39 -16.65 -15.88
CA PRO B 139 6.99 -16.58 -16.29
C PRO B 139 6.30 -15.32 -15.79
N SER B 140 5.27 -14.91 -16.52
CA SER B 140 4.44 -13.78 -16.16
C SER B 140 2.98 -14.20 -16.22
N TYR B 141 2.14 -13.51 -15.45
CA TYR B 141 0.72 -13.86 -15.41
C TYR B 141 -0.02 -13.37 -16.63
N ALA B 142 0.39 -12.23 -17.20
CA ALA B 142 -0.30 -11.70 -18.37
C ALA B 142 -0.15 -12.65 -19.55
N LYS B 143 1.01 -13.28 -19.70
CA LYS B 143 1.22 -14.21 -20.81
C LYS B 143 0.28 -15.40 -20.74
N LEU B 144 -0.22 -15.76 -19.56
CA LEU B 144 -1.25 -16.79 -19.48
C LEU B 144 -2.48 -16.37 -20.25
N GLY B 145 -2.84 -15.09 -20.18
CA GLY B 145 -3.94 -14.59 -20.98
C GLY B 145 -3.75 -14.84 -22.46
N ASP B 146 -2.50 -14.86 -22.94
CA ASP B 146 -2.27 -15.26 -24.32
C ASP B 146 -2.73 -16.68 -24.55
N PHE B 147 -2.27 -17.61 -23.71
CA PHE B 147 -2.58 -19.02 -23.89
C PHE B 147 -4.08 -19.23 -23.99
N VAL B 148 -4.83 -18.70 -23.03
CA VAL B 148 -6.28 -18.86 -23.03
C VAL B 148 -6.87 -18.39 -24.35
N ALA B 149 -6.41 -17.23 -24.84
CA ALA B 149 -6.90 -16.75 -26.13
C ALA B 149 -6.65 -17.80 -27.21
N ALA B 150 -5.41 -18.27 -27.32
CA ALA B 150 -5.10 -19.27 -28.34
C ALA B 150 -5.95 -20.52 -28.16
N LEU B 151 -6.38 -20.79 -26.93
CA LEU B 151 -7.26 -21.93 -26.70
C LEU B 151 -8.65 -21.66 -27.25
N HIS B 152 -9.21 -20.48 -26.96
CA HIS B 152 -10.57 -20.20 -27.38
C HIS B 152 -10.71 -20.28 -28.90
N ARG B 153 -9.80 -19.63 -29.63
CA ARG B 153 -9.85 -19.68 -31.08
C ARG B 153 -9.87 -21.13 -31.57
N ARG B 154 -9.17 -22.01 -30.86
CA ARG B 154 -9.12 -23.40 -31.30
C ARG B 154 -10.47 -24.08 -31.14
N LEU B 155 -11.19 -23.78 -30.07
CA LEU B 155 -12.40 -24.50 -29.70
C LEU B 155 -13.67 -23.71 -29.97
N GLY B 156 -13.56 -22.56 -30.63
CA GLY B 156 -14.76 -21.80 -30.99
C GLY B 156 -15.56 -21.32 -29.82
N TRP B 157 -14.89 -20.85 -28.77
CA TRP B 157 -15.54 -20.20 -27.64
C TRP B 157 -15.33 -18.69 -27.81
N GLU B 158 -16.39 -17.97 -28.12
CA GLU B 158 -16.29 -16.57 -28.52
C GLU B 158 -17.30 -15.67 -27.84
N ARG B 159 -17.96 -16.14 -26.78
CA ARG B 159 -19.08 -15.42 -26.21
C ARG B 159 -18.86 -14.97 -24.77
N GLN B 160 -18.50 -15.88 -23.86
CA GLN B 160 -18.44 -15.50 -22.45
C GLN B 160 -17.55 -16.46 -21.68
N ALA B 161 -17.09 -15.99 -20.52
CA ALA B 161 -16.22 -16.79 -19.65
C ALA B 161 -16.30 -16.26 -18.22
N LEU B 162 -16.02 -17.14 -17.27
CA LEU B 162 -16.08 -16.83 -15.85
C LEU B 162 -14.76 -17.22 -15.19
N MET B 163 -14.28 -16.39 -14.27
CA MET B 163 -12.98 -16.60 -13.63
C MET B 163 -13.12 -16.46 -12.13
N LEU B 164 -12.87 -17.55 -11.41
CA LEU B 164 -13.01 -17.61 -9.96
C LEU B 164 -11.63 -17.70 -9.32
N TYR B 165 -11.40 -16.88 -8.29
CA TYR B 165 -10.19 -16.99 -7.51
C TYR B 165 -10.51 -17.11 -6.03
N ALA B 166 -9.69 -17.88 -5.33
CA ALA B 166 -9.85 -18.14 -3.91
C ALA B 166 -8.98 -17.20 -3.10
N TYR B 167 -9.35 -17.02 -1.84
CA TYR B 167 -8.64 -16.15 -0.93
C TYR B 167 -8.23 -16.92 0.32
N ARG B 168 -6.95 -16.80 0.69
CA ARG B 168 -6.43 -17.34 1.94
C ARG B 168 -5.67 -16.27 2.69
N PRO B 169 -5.71 -16.29 4.04
CA PRO B 169 -4.87 -15.37 4.81
C PRO B 169 -3.39 -15.55 4.57
N GLY B 170 -2.94 -16.78 4.31
CA GLY B 170 -1.52 -17.07 4.25
C GLY B 170 -0.83 -16.62 2.98
N ASP B 171 -1.26 -17.17 1.84
CA ASP B 171 -0.63 -16.83 0.57
C ASP B 171 -0.57 -15.32 0.40
N GLU B 172 0.44 -14.86 -0.32
CA GLU B 172 0.61 -13.42 -0.50
C GLU B 172 -0.31 -12.93 -1.61
N GLU B 173 -1.59 -13.29 -1.53
CA GLU B 173 -2.60 -12.83 -2.47
C GLU B 173 -2.21 -13.24 -3.89
N HIS B 174 -2.07 -14.56 -4.08
CA HIS B 174 -1.53 -15.13 -5.31
C HIS B 174 -2.57 -15.18 -6.41
N CYS B 175 -3.73 -15.77 -6.13
CA CYS B 175 -4.74 -15.93 -7.17
C CYS B 175 -5.35 -14.61 -7.60
N PHE B 176 -5.43 -13.62 -6.71
CA PHE B 176 -5.90 -12.32 -7.16
C PHE B 176 -5.02 -11.82 -8.30
N PHE B 177 -3.71 -11.84 -8.12
CA PHE B 177 -2.82 -11.35 -9.16
C PHE B 177 -2.86 -12.23 -10.40
N LEU B 178 -2.90 -13.55 -10.21
CA LEU B 178 -2.95 -14.45 -11.36
C LEU B 178 -4.17 -14.17 -12.21
N VAL B 179 -5.36 -14.14 -11.60
CA VAL B 179 -6.58 -13.94 -12.36
C VAL B 179 -6.68 -12.51 -12.86
N GLU B 180 -6.10 -11.55 -12.15
CA GLU B 180 -6.10 -10.17 -12.65
C GLU B 180 -5.32 -10.08 -13.95
N GLY B 181 -4.12 -10.65 -13.99
CA GLY B 181 -3.36 -10.65 -15.23
C GLY B 181 -4.08 -11.38 -16.34
N LEU B 182 -4.60 -12.58 -16.03
CA LEU B 182 -5.30 -13.37 -17.04
C LEU B 182 -6.49 -12.60 -17.61
N PHE B 183 -7.29 -11.99 -16.73
CA PHE B 183 -8.47 -11.24 -17.15
C PHE B 183 -8.08 -10.05 -18.02
N MET B 184 -7.11 -9.26 -17.56
CA MET B 184 -6.74 -8.05 -18.30
C MET B 184 -6.22 -8.41 -19.67
N ARG B 185 -5.38 -9.45 -19.78
CA ARG B 185 -4.81 -9.78 -21.08
C ARG B 185 -5.78 -10.55 -21.98
N VAL B 186 -6.79 -11.21 -21.41
CA VAL B 186 -7.74 -11.91 -22.27
C VAL B 186 -8.84 -10.98 -22.76
N ARG B 187 -9.15 -9.93 -22.01
CA ARG B 187 -10.15 -8.98 -22.47
C ARG B 187 -9.62 -8.01 -23.52
N ASP B 188 -8.32 -8.01 -23.77
CA ASP B 188 -7.74 -7.17 -24.81
C ASP B 188 -7.64 -7.86 -26.16
N ARG B 189 -7.57 -9.19 -26.18
CA ARG B 189 -7.35 -9.94 -27.41
C ARG B 189 -8.57 -10.69 -27.89
N LEU B 190 -9.65 -10.73 -27.11
CA LEU B 190 -10.88 -11.41 -27.51
C LEU B 190 -12.07 -10.51 -27.27
N ASN B 191 -13.08 -10.64 -28.12
CA ASN B 191 -14.33 -9.90 -27.97
C ASN B 191 -15.34 -10.75 -27.18
N ILE B 192 -14.92 -11.12 -25.97
CA ILE B 192 -15.73 -11.95 -25.09
C ILE B 192 -16.03 -11.18 -23.82
N THR B 193 -17.07 -11.61 -23.12
CA THR B 193 -17.47 -11.03 -21.84
C THR B 193 -16.95 -11.93 -20.73
N VAL B 194 -16.10 -11.40 -19.87
CA VAL B 194 -15.45 -12.17 -18.83
C VAL B 194 -15.89 -11.61 -17.48
N ASP B 195 -16.21 -12.52 -16.54
CA ASP B 195 -16.72 -12.13 -15.24
C ASP B 195 -15.76 -12.60 -14.15
N HIS B 196 -15.24 -11.64 -13.38
CA HIS B 196 -14.46 -11.96 -12.19
C HIS B 196 -15.36 -12.53 -11.10
N LEU B 197 -14.75 -13.23 -10.15
CA LEU B 197 -15.44 -13.64 -8.94
C LEU B 197 -14.43 -14.10 -7.91
N GLU B 198 -14.64 -13.73 -6.66
CA GLU B 198 -13.80 -14.12 -5.55
C GLU B 198 -14.59 -14.98 -4.58
N PHE B 199 -13.90 -15.94 -3.96
CA PHE B 199 -14.51 -16.72 -2.89
C PHE B 199 -13.46 -17.03 -1.84
N ALA B 200 -13.93 -17.35 -0.64
CA ALA B 200 -13.06 -17.63 0.49
C ALA B 200 -12.79 -19.13 0.55
N GLU B 201 -11.51 -19.51 0.48
CA GLU B 201 -11.16 -20.92 0.39
C GLU B 201 -11.42 -21.66 1.70
N ASP B 202 -11.33 -20.96 2.83
CA ASP B 202 -11.46 -21.61 4.12
C ASP B 202 -12.84 -22.22 4.30
N ASP B 203 -13.89 -21.38 4.29
CA ASP B 203 -15.22 -21.84 4.65
C ASP B 203 -15.92 -22.48 3.47
N LEU B 204 -16.56 -23.62 3.72
CA LEU B 204 -17.30 -24.35 2.70
C LEU B 204 -18.71 -23.81 2.50
N SER B 205 -19.09 -22.75 3.21
CA SER B 205 -20.38 -22.11 2.99
C SER B 205 -20.37 -21.28 1.72
N HIS B 206 -19.22 -20.75 1.32
CA HIS B 206 -19.14 -19.96 0.10
C HIS B 206 -19.35 -20.82 -1.14
N TYR B 207 -19.00 -22.11 -1.04
CA TYR B 207 -19.12 -23.11 -2.12
C TYR B 207 -20.61 -23.34 -2.39
N THR B 208 -21.47 -23.09 -1.40
CA THR B 208 -22.92 -23.25 -1.56
C THR B 208 -23.36 -22.12 -2.50
N ARG B 209 -22.88 -20.89 -2.27
CA ARG B 209 -23.22 -19.69 -3.09
C ARG B 209 -22.57 -19.76 -4.47
N LEU B 210 -21.39 -20.36 -4.56
CA LEU B 210 -20.57 -20.45 -5.81
C LEU B 210 -21.27 -21.35 -6.82
N LEU B 211 -21.83 -22.47 -6.36
CA LEU B 211 -22.55 -23.45 -7.21
C LEU B 211 -23.91 -22.90 -7.64
N ARG B 212 -24.53 -22.04 -6.85
CA ARG B 212 -25.79 -21.37 -7.17
C ARG B 212 -25.60 -20.33 -8.29
N THR B 213 -24.54 -19.52 -8.19
CA THR B 213 -24.24 -18.34 -9.05
C THR B 213 -23.38 -18.65 -10.26
N MET B 214 -23.00 -19.90 -10.48
CA MET B 214 -22.13 -20.31 -11.61
C MET B 214 -22.91 -20.92 -12.78
N PRO B 215 -24.09 -21.55 -12.64
CA PRO B 215 -24.85 -21.97 -13.79
C PRO B 215 -25.53 -20.79 -14.49
N ARG B 216 -25.54 -19.59 -13.92
CA ARG B 216 -26.15 -18.46 -14.61
C ARG B 216 -25.13 -17.48 -15.16
N LYS B 217 -23.96 -17.36 -14.54
CA LYS B 217 -23.00 -16.32 -14.88
C LYS B 217 -21.88 -16.82 -15.80
N GLY B 218 -21.89 -18.07 -16.21
CA GLY B 218 -20.83 -18.55 -17.09
C GLY B 218 -21.01 -20.01 -17.43
N ARG B 219 -20.33 -20.54 -18.47
CA ARG B 219 -20.32 -21.97 -18.82
C ARG B 219 -18.91 -22.46 -19.15
N VAL B 220 -17.84 -21.64 -19.14
CA VAL B 220 -16.48 -22.13 -19.24
C VAL B 220 -15.67 -21.44 -18.16
N ILE B 221 -15.39 -22.14 -17.06
CA ILE B 221 -14.93 -21.53 -15.82
C ILE B 221 -13.44 -21.78 -15.65
N TYR B 222 -12.74 -20.79 -15.11
CA TYR B 222 -11.32 -20.89 -14.77
C TYR B 222 -11.16 -20.64 -13.28
N ILE B 223 -10.79 -21.68 -12.53
CA ILE B 223 -10.63 -21.60 -11.08
C ILE B 223 -9.15 -21.52 -10.74
N CYS B 224 -8.80 -20.68 -9.76
CA CYS B 224 -7.43 -20.59 -9.28
C CYS B 224 -7.20 -21.17 -7.90
N SER B 225 -8.23 -21.74 -7.26
CA SER B 225 -8.07 -22.21 -5.90
C SER B 225 -6.99 -23.26 -5.78
N SER B 226 -6.70 -23.71 -4.55
CA SER B 226 -5.68 -24.71 -4.28
C SER B 226 -6.19 -26.09 -4.68
N PRO B 227 -5.31 -27.10 -4.64
CA PRO B 227 -5.75 -28.44 -5.08
C PRO B 227 -6.93 -29.01 -4.32
N ASP B 228 -6.86 -29.01 -2.98
CA ASP B 228 -7.95 -29.58 -2.19
C ASP B 228 -9.24 -28.78 -2.36
N ALA B 229 -9.13 -27.45 -2.42
CA ALA B 229 -10.31 -26.64 -2.65
C ALA B 229 -10.94 -26.97 -3.99
N PHE B 230 -10.12 -27.14 -5.03
CA PHE B 230 -10.67 -27.48 -6.34
C PHE B 230 -11.34 -28.84 -6.32
N ARG B 231 -10.74 -29.82 -5.64
CA ARG B 231 -11.35 -31.15 -5.60
C ARG B 231 -12.68 -31.11 -4.86
N THR B 232 -12.74 -30.38 -3.75
CA THR B 232 -14.00 -30.22 -3.02
C THR B 232 -15.06 -29.56 -3.89
N LEU B 233 -14.67 -28.48 -4.58
CA LEU B 233 -15.61 -27.75 -5.42
C LEU B 233 -16.11 -28.64 -6.56
N MET B 234 -15.22 -29.47 -7.13
CA MET B 234 -15.64 -30.34 -8.22
C MET B 234 -16.58 -31.43 -7.73
N LEU B 235 -16.35 -31.96 -6.53
CA LEU B 235 -17.29 -32.92 -5.98
C LEU B 235 -18.65 -32.28 -5.71
N LEU B 236 -18.66 -31.05 -5.19
CA LEU B 236 -19.93 -30.34 -5.03
C LEU B 236 -20.61 -30.13 -6.37
N ALA B 237 -19.85 -29.77 -7.40
CA ALA B 237 -20.43 -29.58 -8.73
C ALA B 237 -21.06 -30.86 -9.24
N LEU B 238 -20.38 -31.99 -9.04
CA LEU B 238 -20.98 -33.26 -9.44
C LEU B 238 -22.26 -33.51 -8.66
N GLU B 239 -22.26 -33.25 -7.35
CA GLU B 239 -23.47 -33.43 -6.55
C GLU B 239 -24.59 -32.52 -7.03
N ALA B 240 -24.27 -31.41 -7.67
CA ALA B 240 -25.28 -30.52 -8.23
C ALA B 240 -25.68 -30.90 -9.65
N GLY B 241 -25.16 -32.00 -10.17
CA GLY B 241 -25.48 -32.42 -11.53
C GLY B 241 -24.93 -31.50 -12.60
N LEU B 242 -23.72 -31.00 -12.43
CA LEU B 242 -23.08 -30.16 -13.43
C LEU B 242 -22.16 -31.03 -14.29
N CYS B 243 -22.79 -31.89 -15.09
CA CYS B 243 -22.06 -32.87 -15.87
C CYS B 243 -21.09 -32.19 -16.83
N GLY B 244 -20.18 -33.00 -17.36
CA GLY B 244 -19.22 -32.52 -18.33
C GLY B 244 -19.78 -32.27 -19.71
N GLU B 245 -21.02 -32.69 -19.96
CA GLU B 245 -21.67 -32.42 -21.23
C GLU B 245 -21.97 -30.94 -21.43
N ASP B 246 -21.85 -30.13 -20.38
CA ASP B 246 -22.15 -28.70 -20.45
C ASP B 246 -20.96 -27.84 -20.06
N TYR B 247 -20.33 -28.10 -18.93
CA TYR B 247 -19.32 -27.22 -18.35
C TYR B 247 -17.92 -27.71 -18.67
N VAL B 248 -16.96 -26.81 -18.54
CA VAL B 248 -15.55 -27.14 -18.57
C VAL B 248 -14.86 -26.30 -17.49
N PHE B 249 -14.24 -26.96 -16.53
CA PHE B 249 -13.50 -26.28 -15.46
C PHE B 249 -12.02 -26.41 -15.73
N PHE B 250 -11.34 -25.28 -15.89
CA PHE B 250 -9.89 -25.25 -16.03
C PHE B 250 -9.30 -24.84 -14.69
N HIS B 251 -8.44 -25.68 -14.14
CA HIS B 251 -7.72 -25.37 -12.91
C HIS B 251 -6.38 -24.74 -13.27
N LEU B 252 -6.21 -23.48 -12.92
CA LEU B 252 -4.94 -22.78 -13.16
C LEU B 252 -3.99 -23.15 -12.04
N ASP B 253 -3.25 -24.23 -12.24
CA ASP B 253 -2.27 -24.72 -11.27
C ASP B 253 -0.90 -24.59 -11.92
N ILE B 254 -0.32 -23.40 -11.83
CA ILE B 254 0.84 -23.08 -12.65
C ILE B 254 2.02 -23.98 -12.29
N PHE B 255 2.22 -24.25 -11.01
CA PHE B 255 3.37 -25.02 -10.56
C PHE B 255 3.05 -26.49 -10.37
N GLY B 256 1.89 -26.95 -10.82
CA GLY B 256 1.57 -28.36 -10.80
C GLY B 256 1.61 -28.98 -9.41
N GLN B 257 1.00 -28.30 -8.45
CA GLN B 257 0.99 -28.80 -7.08
C GLN B 257 0.01 -29.95 -6.88
N SER B 258 -1.02 -30.04 -7.71
CA SER B 258 -1.98 -31.13 -7.64
C SER B 258 -1.53 -32.34 -8.45
N LEU B 259 -0.39 -32.27 -9.12
CA LEU B 259 0.11 -33.35 -9.96
C LEU B 259 1.46 -33.87 -9.45
N GLN B 260 1.71 -33.73 -8.16
CA GLN B 260 2.99 -34.11 -7.56
C GLN B 260 4.14 -33.42 -8.30
N GLY B 261 3.96 -32.13 -8.59
CA GLY B 261 4.96 -31.35 -9.27
C GLY B 261 4.81 -31.26 -10.76
N GLY B 262 4.04 -32.17 -11.37
CA GLY B 262 3.84 -32.11 -12.81
C GLY B 262 5.12 -32.26 -13.61
N GLN B 263 6.11 -32.96 -13.08
CA GLN B 263 7.41 -33.11 -13.70
C GLN B 263 7.58 -34.56 -14.12
N GLY B 264 7.85 -34.77 -15.42
CA GLY B 264 8.18 -36.09 -15.91
C GLY B 264 6.98 -36.87 -16.39
N PRO B 265 7.21 -37.85 -17.28
CA PRO B 265 6.12 -38.68 -17.83
C PRO B 265 5.67 -39.82 -16.92
N ALA B 266 4.80 -39.50 -15.97
CA ALA B 266 4.22 -40.51 -15.09
C ALA B 266 2.71 -40.32 -15.01
N PRO B 267 1.94 -41.39 -14.82
CA PRO B 267 0.49 -41.23 -14.65
C PRO B 267 0.16 -40.58 -13.31
N ARG B 268 -0.65 -39.52 -13.37
CA ARG B 268 -1.03 -38.76 -12.19
C ARG B 268 -2.54 -38.85 -12.01
N ARG B 269 -2.96 -39.03 -10.75
CA ARG B 269 -4.37 -39.08 -10.38
C ARG B 269 -4.61 -38.00 -9.32
N PRO B 270 -4.94 -36.78 -9.73
CA PRO B 270 -5.09 -35.68 -8.77
C PRO B 270 -6.42 -35.70 -8.02
N TRP B 271 -7.24 -36.73 -8.18
CA TRP B 271 -8.55 -36.79 -7.56
C TRP B 271 -8.64 -37.85 -6.47
N GLU B 272 -7.53 -38.54 -6.16
CA GLU B 272 -7.52 -39.58 -5.16
C GLU B 272 -6.79 -39.09 -3.92
N ARG B 273 -7.45 -39.21 -2.76
CA ARG B 273 -6.86 -38.90 -1.48
C ARG B 273 -6.90 -40.07 -0.52
N GLY B 274 -7.38 -41.23 -0.96
CA GLY B 274 -7.58 -42.34 -0.03
C GLY B 274 -8.55 -42.02 1.07
N ASP B 275 -9.57 -41.22 0.77
CA ASP B 275 -10.58 -40.82 1.74
C ASP B 275 -11.87 -41.62 1.59
N GLY B 276 -11.88 -42.63 0.74
CA GLY B 276 -13.09 -43.40 0.46
C GLY B 276 -13.94 -42.75 -0.60
N GLN B 277 -14.02 -41.42 -0.58
CA GLN B 277 -14.76 -40.67 -1.58
C GLN B 277 -13.84 -40.38 -2.77
N ASP B 278 -13.62 -41.43 -3.55
CA ASP B 278 -12.80 -41.36 -4.76
C ASP B 278 -13.55 -41.76 -6.02
N VAL B 279 -14.40 -42.79 -5.95
CA VAL B 279 -15.17 -43.18 -7.12
C VAL B 279 -15.98 -42.00 -7.63
N SER B 280 -16.51 -41.19 -6.72
CA SER B 280 -17.20 -39.98 -7.12
C SER B 280 -16.22 -38.92 -7.61
N ALA B 281 -15.03 -38.85 -7.00
CA ALA B 281 -14.05 -37.86 -7.44
C ALA B 281 -13.59 -38.11 -8.86
N ARG B 282 -13.42 -39.38 -9.24
CA ARG B 282 -13.03 -39.70 -10.61
C ARG B 282 -14.10 -39.25 -11.61
N GLN B 283 -15.37 -39.49 -11.29
CA GLN B 283 -16.45 -39.10 -12.18
C GLN B 283 -16.64 -37.58 -12.21
N ALA B 284 -16.16 -36.88 -11.20
CA ALA B 284 -16.27 -35.43 -11.16
C ALA B 284 -15.10 -34.72 -11.80
N PHE B 285 -14.03 -35.43 -12.15
CA PHE B 285 -12.90 -34.87 -12.87
C PHE B 285 -12.95 -35.18 -14.36
N GLN B 286 -14.03 -35.78 -14.85
CA GLN B 286 -14.22 -35.98 -16.28
C GLN B 286 -14.55 -34.68 -16.99
N ALA B 287 -14.78 -33.59 -16.25
CA ALA B 287 -15.09 -32.29 -16.82
C ALA B 287 -14.08 -31.24 -16.39
N ALA B 288 -12.87 -31.66 -16.06
CA ALA B 288 -11.84 -30.74 -15.55
C ALA B 288 -10.54 -30.93 -16.32
N LYS B 289 -9.98 -29.83 -16.79
CA LYS B 289 -8.64 -29.78 -17.37
C LYS B 289 -7.74 -28.96 -16.46
N ILE B 290 -6.43 -29.19 -16.55
CA ILE B 290 -5.47 -28.53 -15.68
C ILE B 290 -4.45 -27.79 -16.53
N ILE B 291 -4.25 -26.51 -16.23
CA ILE B 291 -3.32 -25.65 -16.97
C ILE B 291 -2.11 -25.41 -16.08
N THR B 292 -0.92 -25.76 -16.57
CA THR B 292 0.30 -25.58 -15.80
C THR B 292 1.37 -24.96 -16.68
N TYR B 293 2.48 -24.55 -16.05
CA TYR B 293 3.67 -24.23 -16.81
C TYR B 293 4.13 -25.48 -17.56
N LYS B 294 5.04 -25.29 -18.50
CA LYS B 294 5.52 -26.37 -19.32
C LYS B 294 6.90 -26.80 -18.86
N ASP B 295 7.09 -28.11 -18.75
CA ASP B 295 8.38 -28.67 -18.37
C ASP B 295 9.33 -28.61 -19.56
N PRO B 296 10.50 -27.97 -19.43
CA PRO B 296 11.50 -28.10 -20.49
C PRO B 296 11.86 -29.56 -20.72
N ASP B 297 11.85 -29.96 -21.99
CA ASP B 297 11.99 -31.36 -22.36
C ASP B 297 13.27 -31.60 -23.15
N ASN B 298 14.38 -31.03 -22.68
CA ASN B 298 15.67 -31.21 -23.32
C ASN B 298 16.68 -31.78 -22.32
N PRO B 299 17.70 -32.50 -22.80
CA PRO B 299 18.68 -33.09 -21.86
C PRO B 299 19.40 -32.07 -21.01
N GLU B 300 19.65 -30.87 -21.55
CA GLU B 300 20.41 -29.86 -20.81
C GLU B 300 19.72 -29.51 -19.50
N TYR B 301 18.39 -29.35 -19.53
CA TYR B 301 17.66 -29.06 -18.31
C TYR B 301 17.78 -30.20 -17.30
N LEU B 302 17.71 -31.45 -17.77
CA LEU B 302 17.83 -32.58 -16.86
C LEU B 302 19.19 -32.59 -16.19
N GLU B 303 20.27 -32.37 -16.95
CA GLU B 303 21.59 -32.33 -16.35
C GLU B 303 21.73 -31.15 -15.39
N PHE B 304 21.19 -29.99 -15.76
CA PHE B 304 21.25 -28.83 -14.89
C PHE B 304 20.58 -29.12 -13.57
N LEU B 305 19.40 -29.75 -13.60
CA LEU B 305 18.75 -30.14 -12.35
C LEU B 305 19.59 -31.16 -11.59
N LYS B 306 20.15 -32.13 -12.30
CA LYS B 306 20.92 -33.18 -11.64
C LYS B 306 22.00 -32.57 -10.77
N GLN B 307 22.74 -31.59 -11.32
CA GLN B 307 23.81 -30.98 -10.53
C GLN B 307 23.33 -29.86 -9.63
N LEU B 308 22.20 -29.22 -9.94
CA LEU B 308 21.66 -28.19 -9.05
C LEU B 308 21.19 -28.79 -7.73
N LYS B 309 20.60 -29.97 -7.77
CA LYS B 309 20.09 -30.66 -6.56
C LYS B 309 21.26 -31.06 -5.68
N HIS B 310 22.40 -31.44 -6.25
CA HIS B 310 23.61 -31.76 -5.50
C HIS B 310 24.22 -30.52 -4.88
N LEU B 311 24.37 -29.45 -5.66
CA LEU B 311 24.96 -28.23 -5.12
C LEU B 311 24.10 -27.64 -4.02
N ALA B 312 22.78 -27.65 -4.19
CA ALA B 312 21.91 -27.11 -3.16
C ALA B 312 22.05 -27.89 -1.87
N TYR B 313 22.16 -29.22 -1.96
CA TYR B 313 22.36 -30.01 -0.74
C TYR B 313 23.69 -29.69 -0.09
N GLU B 314 24.77 -29.65 -0.88
CA GLU B 314 26.09 -29.44 -0.31
C GLU B 314 26.24 -28.04 0.28
N GLN B 315 25.91 -27.02 -0.50
CA GLN B 315 26.22 -25.64 -0.11
C GLN B 315 25.27 -25.09 0.95
N PHE B 316 23.99 -25.45 0.88
CA PHE B 316 22.97 -24.79 1.68
C PHE B 316 22.24 -25.72 2.63
N ASN B 317 22.60 -27.00 2.68
CA ASN B 317 21.92 -27.97 3.54
C ASN B 317 20.41 -27.97 3.26
N PHE B 318 20.07 -27.96 1.97
CA PHE B 318 18.68 -27.95 1.52
C PHE B 318 18.50 -29.06 0.49
N THR B 319 17.43 -29.83 0.64
CA THR B 319 17.10 -30.91 -0.29
C THR B 319 15.99 -30.43 -1.20
N MET B 320 16.30 -30.29 -2.49
CA MET B 320 15.34 -29.82 -3.48
C MET B 320 14.53 -30.99 -4.02
N GLU B 321 13.22 -30.88 -3.94
CA GLU B 321 12.32 -31.93 -4.43
C GLU B 321 11.99 -31.68 -5.90
N ASP B 322 11.86 -32.77 -6.64
CA ASP B 322 11.51 -32.67 -8.05
C ASP B 322 10.17 -31.97 -8.21
N GLY B 323 10.06 -31.14 -9.24
CA GLY B 323 8.82 -30.43 -9.48
C GLY B 323 8.97 -29.44 -10.61
N LEU B 324 7.94 -28.62 -10.76
CA LEU B 324 7.89 -27.58 -11.78
C LEU B 324 8.33 -26.22 -11.23
N VAL B 325 8.74 -26.16 -9.96
CA VAL B 325 9.23 -24.91 -9.37
C VAL B 325 10.72 -24.70 -9.64
N ASN B 326 11.41 -25.68 -10.21
CA ASN B 326 12.82 -25.50 -10.55
C ASN B 326 13.00 -24.67 -11.81
N THR B 327 11.94 -24.45 -12.57
CA THR B 327 12.04 -23.55 -13.71
C THR B 327 12.38 -22.13 -13.29
N ILE B 328 12.14 -21.76 -12.03
CA ILE B 328 12.44 -20.41 -11.58
C ILE B 328 13.93 -20.25 -11.33
N PRO B 329 14.59 -21.17 -10.61
CA PRO B 329 16.06 -21.15 -10.60
C PRO B 329 16.66 -21.25 -11.99
N ALA B 330 16.08 -22.09 -12.86
CA ALA B 330 16.61 -22.19 -14.21
C ALA B 330 16.48 -20.86 -14.95
N SER B 331 15.36 -20.15 -14.73
CA SER B 331 15.14 -18.86 -15.36
C SER B 331 16.13 -17.83 -14.84
N PHE B 332 16.43 -17.86 -13.54
CA PHE B 332 17.45 -16.96 -13.01
C PHE B 332 18.80 -17.22 -13.67
N HIS B 333 19.16 -18.50 -13.81
CA HIS B 333 20.40 -18.88 -14.47
C HIS B 333 20.45 -18.34 -15.90
N ASP B 334 19.38 -18.60 -16.67
CA ASP B 334 19.33 -18.16 -18.06
C ASP B 334 19.35 -16.65 -18.17
N GLY B 335 18.61 -15.95 -17.31
CA GLY B 335 18.57 -14.50 -17.39
C GLY B 335 19.91 -13.86 -17.05
N LEU B 336 20.61 -14.42 -16.06
CA LEU B 336 21.93 -13.89 -15.74
C LEU B 336 22.89 -14.11 -16.90
N LEU B 337 22.84 -15.28 -17.54
CA LEU B 337 23.71 -15.51 -18.69
C LEU B 337 23.37 -14.55 -19.82
N LEU B 338 22.08 -14.30 -20.06
CA LEU B 338 21.68 -13.37 -21.09
C LEU B 338 22.19 -11.97 -20.80
N TYR B 339 22.08 -11.52 -19.54
CA TYR B 339 22.61 -10.21 -19.18
C TYR B 339 24.11 -10.14 -19.37
N ILE B 340 24.82 -11.20 -19.01
CA ILE B 340 26.28 -11.19 -19.19
C ILE B 340 26.62 -11.08 -20.67
N GLN B 341 25.88 -11.79 -21.53
CA GLN B 341 26.13 -11.66 -22.97
C GLN B 341 25.86 -10.24 -23.45
N ALA B 342 24.75 -9.64 -22.99
CA ALA B 342 24.43 -8.28 -23.40
C ALA B 342 25.53 -7.31 -22.99
N VAL B 343 26.05 -7.46 -21.78
CA VAL B 343 27.12 -6.59 -21.31
C VAL B 343 28.39 -6.84 -22.13
N THR B 344 28.64 -8.10 -22.52
CA THR B 344 29.79 -8.38 -23.36
C THR B 344 29.70 -7.63 -24.68
N GLU B 345 28.51 -7.66 -25.31
CA GLU B 345 28.35 -6.92 -26.56
C GLU B 345 28.51 -5.43 -26.34
N THR B 346 27.95 -4.91 -25.24
CA THR B 346 28.06 -3.48 -24.97
C THR B 346 29.53 -3.06 -24.83
N LEU B 347 30.32 -3.84 -24.09
CA LEU B 347 31.74 -3.52 -24.00
C LEU B 347 32.46 -3.73 -25.32
N ALA B 348 31.96 -4.64 -26.16
CA ALA B 348 32.58 -4.84 -27.46
C ALA B 348 32.35 -3.67 -28.39
N HIS B 349 31.25 -2.95 -28.22
CA HIS B 349 30.89 -1.83 -29.09
C HIS B 349 31.24 -0.47 -28.48
N GLY B 350 32.18 -0.43 -27.54
CA GLY B 350 32.64 0.83 -26.98
C GLY B 350 31.70 1.44 -25.96
N GLY B 351 31.35 0.66 -24.93
CA GLY B 351 30.49 1.14 -23.86
C GLY B 351 31.06 0.82 -22.49
N THR B 352 30.20 0.82 -21.48
CA THR B 352 30.60 0.48 -20.13
C THR B 352 29.48 -0.33 -19.47
N VAL B 353 29.84 -1.02 -18.38
CA VAL B 353 28.87 -1.83 -17.65
C VAL B 353 27.79 -1.01 -16.98
N THR B 354 27.96 0.31 -16.93
CA THR B 354 26.98 1.20 -16.30
C THR B 354 26.01 1.80 -17.30
N ASP B 355 26.09 1.41 -18.57
CA ASP B 355 25.15 1.86 -19.59
C ASP B 355 23.88 1.04 -19.46
N GLY B 356 22.95 1.54 -18.65
CA GLY B 356 21.72 0.79 -18.41
C GLY B 356 20.91 0.60 -19.68
N GLU B 357 20.73 1.68 -20.44
CA GLU B 357 19.82 1.63 -21.59
C GLU B 357 20.40 0.78 -22.72
N ASN B 358 21.66 1.01 -23.06
CA ASN B 358 22.27 0.24 -24.15
C ASN B 358 22.35 -1.24 -23.79
N ILE B 359 22.67 -1.56 -22.55
CA ILE B 359 22.73 -2.95 -22.13
C ILE B 359 21.34 -3.57 -22.20
N THR B 360 20.34 -2.89 -21.62
CA THR B 360 19.03 -3.52 -21.50
C THR B 360 18.33 -3.66 -22.84
N GLN B 361 18.56 -2.73 -23.76
CA GLN B 361 17.92 -2.85 -25.07
C GLN B 361 18.64 -3.84 -25.98
N ARG B 362 19.77 -4.39 -25.55
CA ARG B 362 20.38 -5.54 -26.18
C ARG B 362 19.90 -6.85 -25.57
N MET B 363 19.09 -6.78 -24.52
CA MET B 363 18.45 -7.95 -23.91
C MET B 363 17.04 -8.16 -24.41
N TRP B 364 16.26 -7.09 -24.50
CA TRP B 364 14.88 -7.18 -24.93
C TRP B 364 14.82 -7.49 -26.42
N ASN B 365 13.68 -8.01 -26.85
CA ASN B 365 13.36 -8.38 -28.24
C ASN B 365 14.41 -9.28 -28.91
N ARG B 366 14.99 -10.25 -28.24
CA ARG B 366 15.96 -11.16 -28.84
C ARG B 366 15.78 -12.56 -28.28
N SER B 367 16.36 -13.54 -28.97
CA SER B 367 16.30 -14.94 -28.58
C SER B 367 17.61 -15.37 -27.96
N PHE B 368 17.53 -16.32 -27.03
CA PHE B 368 18.68 -16.79 -26.28
C PHE B 368 18.57 -18.31 -26.10
N GLN B 369 19.73 -18.95 -26.03
CA GLN B 369 19.81 -20.40 -25.86
C GLN B 369 20.25 -20.67 -24.42
N GLY B 370 19.36 -21.27 -23.63
CA GLY B 370 19.66 -21.59 -22.25
C GLY B 370 19.32 -23.02 -21.90
N VAL B 371 19.40 -23.37 -20.61
CA VAL B 371 19.05 -24.72 -20.20
C VAL B 371 17.57 -24.98 -20.41
N THR B 372 16.73 -23.96 -20.27
CA THR B 372 15.30 -24.10 -20.45
C THR B 372 14.86 -23.99 -21.91
N GLY B 373 15.78 -24.22 -22.84
CA GLY B 373 15.46 -24.22 -24.25
C GLY B 373 15.80 -22.91 -24.93
N TYR B 374 15.21 -22.74 -26.11
CA TYR B 374 15.37 -21.51 -26.89
C TYR B 374 14.27 -20.53 -26.45
N LEU B 375 14.67 -19.48 -25.75
CA LEU B 375 13.73 -18.55 -25.14
C LEU B 375 13.75 -17.22 -25.87
N LYS B 376 12.65 -16.49 -25.72
CA LYS B 376 12.44 -15.21 -26.42
C LYS B 376 12.04 -14.16 -25.40
N ILE B 377 12.71 -13.02 -25.44
CA ILE B 377 12.37 -11.87 -24.63
C ILE B 377 11.63 -10.89 -25.54
N ASP B 378 10.32 -10.76 -25.35
CA ASP B 378 9.53 -9.91 -26.22
C ASP B 378 10.01 -8.46 -26.13
N SER B 379 9.50 -7.63 -27.04
CA SER B 379 9.99 -6.26 -27.16
C SER B 379 9.62 -5.40 -25.96
N SER B 380 8.73 -5.87 -25.09
CA SER B 380 8.38 -5.12 -23.90
C SER B 380 9.27 -5.43 -22.71
N GLY B 381 10.12 -6.44 -22.80
CA GLY B 381 11.05 -6.79 -21.75
C GLY B 381 10.73 -8.08 -21.02
N ASP B 382 9.54 -8.62 -21.19
CA ASP B 382 9.15 -9.87 -20.55
C ASP B 382 9.45 -11.05 -21.46
N ARG B 383 9.49 -12.24 -20.85
CA ARG B 383 9.79 -13.46 -21.58
C ARG B 383 8.51 -14.14 -22.05
N GLU B 384 8.58 -14.80 -23.19
CA GLU B 384 7.43 -15.49 -23.76
C GLU B 384 7.33 -16.89 -23.15
N THR B 385 6.26 -17.14 -22.42
CA THR B 385 6.11 -18.35 -21.62
C THR B 385 5.36 -19.43 -22.39
N ASP B 386 5.72 -20.67 -22.14
CA ASP B 386 5.06 -21.84 -22.70
C ASP B 386 4.20 -22.51 -21.64
N PHE B 387 3.12 -23.15 -22.08
CA PHE B 387 2.15 -23.72 -21.14
C PHE B 387 1.79 -25.14 -21.54
N SER B 388 1.18 -25.88 -20.62
CA SER B 388 0.73 -27.24 -20.87
C SER B 388 -0.70 -27.42 -20.36
N LEU B 389 -1.48 -28.16 -21.13
CA LEU B 389 -2.84 -28.53 -20.77
C LEU B 389 -2.90 -30.04 -20.56
N TRP B 390 -3.37 -30.43 -19.37
CA TRP B 390 -3.50 -31.81 -18.93
C TRP B 390 -4.96 -32.21 -18.93
N ASP B 391 -5.24 -33.40 -19.48
CA ASP B 391 -6.58 -33.94 -19.58
C ASP B 391 -6.55 -35.41 -19.18
N MET B 392 -7.71 -35.92 -18.76
CA MET B 392 -7.81 -37.27 -18.21
C MET B 392 -7.97 -38.31 -19.31
N ASP B 393 -7.70 -39.57 -18.95
CA ASP B 393 -7.78 -40.72 -19.85
C ASP B 393 -9.08 -41.47 -19.61
N PRO B 394 -9.91 -41.70 -20.62
CA PRO B 394 -11.15 -42.47 -20.38
C PRO B 394 -10.88 -43.86 -19.81
N GLU B 395 -9.80 -44.52 -20.23
CA GLU B 395 -9.55 -45.88 -19.80
C GLU B 395 -8.88 -45.92 -18.43
N ASN B 396 -7.68 -45.35 -18.32
CA ASN B 396 -6.92 -45.43 -17.08
C ASN B 396 -7.44 -44.46 -16.02
N GLY B 397 -7.94 -43.30 -16.43
CA GLY B 397 -8.34 -42.28 -15.48
C GLY B 397 -7.21 -41.46 -14.92
N ALA B 398 -6.03 -41.51 -15.52
CA ALA B 398 -4.86 -40.77 -15.08
C ALA B 398 -4.64 -39.56 -15.96
N PHE B 399 -4.17 -38.47 -15.35
CA PHE B 399 -3.92 -37.24 -16.08
C PHE B 399 -2.55 -37.28 -16.75
N ARG B 400 -2.43 -36.60 -17.88
CA ARG B 400 -1.14 -36.42 -18.52
C ARG B 400 -1.25 -35.23 -19.45
N VAL B 401 -0.10 -34.71 -19.87
CA VAL B 401 -0.10 -33.56 -20.76
C VAL B 401 -0.67 -33.96 -22.11
N VAL B 402 -1.66 -33.20 -22.59
CA VAL B 402 -2.26 -33.45 -23.89
C VAL B 402 -1.94 -32.33 -24.88
N LEU B 403 -1.85 -31.08 -24.40
CA LEU B 403 -1.57 -29.97 -25.30
C LEU B 403 -0.39 -29.16 -24.79
N ASN B 404 0.41 -28.63 -25.72
CA ASN B 404 1.54 -27.77 -25.41
C ASN B 404 1.41 -26.46 -26.16
N TYR B 405 1.80 -25.36 -25.52
CA TYR B 405 1.65 -24.02 -26.08
C TYR B 405 3.00 -23.34 -26.12
N ASN B 406 3.46 -22.99 -27.34
CA ASN B 406 4.71 -22.26 -27.56
C ASN B 406 4.33 -20.78 -27.67
N GLY B 407 4.76 -20.00 -26.68
CA GLY B 407 4.43 -18.58 -26.63
C GLY B 407 5.23 -17.73 -27.58
N THR B 408 6.37 -18.21 -28.07
CA THR B 408 7.13 -17.46 -29.06
C THR B 408 6.38 -17.44 -30.39
N SER B 409 6.13 -18.62 -30.95
CA SER B 409 5.32 -18.73 -32.16
C SER B 409 3.83 -18.63 -31.87
N GLN B 410 3.42 -18.74 -30.61
CA GLN B 410 2.03 -18.58 -30.22
C GLN B 410 1.14 -19.63 -30.87
N GLU B 411 1.41 -20.90 -30.55
CA GLU B 411 0.57 -21.94 -31.13
C GLU B 411 0.49 -23.16 -30.21
N LEU B 412 -0.56 -23.94 -30.42
CA LEU B 412 -0.86 -25.14 -29.66
C LEU B 412 -0.51 -26.38 -30.49
N VAL B 413 0.00 -27.41 -29.82
CA VAL B 413 0.48 -28.62 -30.47
C VAL B 413 0.06 -29.82 -29.64
N ALA B 414 -0.41 -30.87 -30.34
CA ALA B 414 -0.66 -32.15 -29.70
C ALA B 414 0.65 -32.89 -29.50
N VAL B 415 0.69 -33.70 -28.43
CA VAL B 415 1.98 -34.20 -27.94
C VAL B 415 2.35 -35.53 -28.59
N SER B 416 1.55 -36.57 -28.34
CA SER B 416 1.89 -37.94 -28.73
C SER B 416 0.70 -38.62 -29.38
N GLY B 417 0.05 -37.91 -30.30
CA GLY B 417 -1.14 -38.48 -30.93
C GLY B 417 -2.25 -38.75 -29.96
N ARG B 418 -2.40 -37.90 -28.95
CA ARG B 418 -3.50 -37.99 -27.99
C ARG B 418 -4.27 -36.68 -28.02
N LYS B 419 -5.59 -36.79 -28.07
CA LYS B 419 -6.48 -35.64 -28.21
C LYS B 419 -7.30 -35.43 -26.94
N LEU B 420 -7.80 -34.21 -26.79
CA LEU B 420 -8.62 -33.89 -25.64
C LEU B 420 -9.84 -34.80 -25.58
N ASN B 421 -10.16 -35.29 -24.38
CA ASN B 421 -11.27 -36.20 -24.17
C ASN B 421 -12.49 -35.40 -23.74
N TRP B 422 -13.49 -35.32 -24.61
CA TRP B 422 -14.74 -34.65 -24.31
C TRP B 422 -15.87 -35.66 -24.19
N PRO B 423 -16.75 -35.52 -23.19
CA PRO B 423 -17.87 -36.47 -23.08
C PRO B 423 -18.72 -36.57 -24.34
N LEU B 424 -18.98 -35.44 -25.00
CA LEU B 424 -19.77 -35.43 -26.23
C LEU B 424 -18.94 -35.68 -27.48
N GLY B 425 -17.63 -35.72 -27.38
CA GLY B 425 -16.76 -35.82 -28.53
C GLY B 425 -16.32 -34.48 -29.10
N TYR B 426 -17.00 -33.40 -28.75
CA TYR B 426 -16.63 -32.05 -29.14
C TYR B 426 -16.78 -31.14 -27.93
N PRO B 427 -16.09 -30.00 -27.92
CA PRO B 427 -16.19 -29.12 -26.77
C PRO B 427 -17.61 -28.60 -26.62
N PRO B 428 -18.05 -28.34 -25.40
CA PRO B 428 -19.37 -27.74 -25.21
C PRO B 428 -19.38 -26.29 -25.66
N PRO B 429 -20.54 -25.72 -25.93
CA PRO B 429 -20.59 -24.29 -26.27
C PRO B 429 -20.38 -23.41 -25.03
N ASP B 430 -19.68 -22.30 -25.23
CA ASP B 430 -19.53 -21.32 -24.17
C ASP B 430 -20.83 -20.60 -23.84
N ILE B 431 -21.86 -20.77 -24.66
CA ILE B 431 -23.19 -20.24 -24.38
C ILE B 431 -24.20 -21.33 -24.71
N PRO B 432 -25.05 -21.73 -23.77
CA PRO B 432 -25.99 -22.82 -24.06
C PRO B 432 -26.99 -22.43 -25.14
N LYS B 433 -27.49 -23.44 -25.85
CA LYS B 433 -28.33 -23.20 -27.01
C LYS B 433 -29.60 -22.43 -26.63
N CYS B 434 -30.23 -22.81 -25.52
CA CYS B 434 -31.48 -22.20 -25.09
C CYS B 434 -31.39 -21.77 -23.63
N GLY B 435 -30.24 -21.24 -23.23
CA GLY B 435 -30.04 -20.79 -21.87
C GLY B 435 -29.75 -19.32 -21.78
N PHE B 436 -29.17 -18.89 -20.64
CA PHE B 436 -28.88 -17.48 -20.40
C PHE B 436 -28.12 -16.88 -21.58
C1 NAG C . -1.93 20.43 -5.86
C2 NAG C . -2.23 20.42 -7.37
C3 NAG C . -3.70 20.06 -7.65
C4 NAG C . -4.30 19.04 -6.68
C5 NAG C . -3.77 19.22 -5.27
C6 NAG C . -4.17 18.11 -4.33
C7 NAG C . -0.82 21.98 -8.64
C8 NAG C . -0.67 23.39 -9.14
N2 NAG C . -1.92 21.72 -7.94
O3 NAG C . -3.77 19.53 -8.98
O4 NAG C . -5.68 19.35 -6.59
O5 NAG C . -2.34 19.25 -5.30
O6 NAG C . -4.59 18.63 -3.08
O7 NAG C . 0.03 21.12 -8.87
C1 NAG C . -6.78 18.43 -6.88
C2 NAG C . -6.46 16.93 -7.05
C3 NAG C . -7.76 16.15 -7.17
C4 NAG C . -8.66 16.43 -5.98
C5 NAG C . -8.86 17.94 -5.79
C6 NAG C . -9.60 18.28 -4.52
C7 NAG C . -5.18 15.48 -8.57
C8 NAG C . -4.33 15.43 -9.80
N2 NAG C . -5.62 16.69 -8.21
O3 NAG C . -7.49 14.75 -7.28
O4 NAG C . -9.95 15.87 -6.18
O5 NAG C . -7.60 18.61 -5.72
O6 NAG C . -9.40 19.63 -4.14
O7 NAG C . -5.46 14.47 -7.93
C1 MAN C . -8.68 14.00 -7.67
C2 MAN C . -8.18 12.70 -8.34
C3 MAN C . -9.29 12.11 -9.18
C4 MAN C . -10.66 12.59 -8.67
C5 MAN C . -10.77 14.10 -8.92
C6 MAN C . -11.91 14.76 -8.16
O2 MAN C . -7.88 11.68 -7.38
O3 MAN C . -9.25 10.70 -9.18
O4 MAN C . -11.71 11.91 -9.34
O5 MAN C . -9.52 14.75 -8.53
O6 MAN C . -12.65 15.60 -9.05
C1 NAG D . -2.11 24.16 29.69
C2 NAG D . -1.99 25.69 29.64
C3 NAG D . -0.63 26.15 30.15
C4 NAG D . -0.43 25.65 31.57
C5 NAG D . -0.42 24.12 31.52
C6 NAG D . -0.26 23.48 32.87
C7 NAG D . -3.13 27.12 28.00
C8 NAG D . -3.25 27.51 26.57
N2 NAG D . -2.22 26.18 28.29
O3 NAG D . -0.56 27.57 30.12
O4 NAG D . 0.64 26.31 32.23
O5 NAG D . -1.69 23.67 31.02
O6 NAG D . -1.07 22.33 33.01
O7 NAG D . -3.84 27.62 28.88
C1 NAG D . 1.97 25.80 32.42
C2 NAG D . 2.80 27.06 32.69
C3 NAG D . 4.22 26.72 33.09
C4 NAG D . 4.25 25.66 34.18
C5 NAG D . 3.39 24.48 33.77
C6 NAG D . 3.30 23.42 34.83
C7 NAG D . 2.66 29.27 31.60
C8 NAG D . 2.49 29.83 32.98
N2 NAG D . 2.79 27.94 31.53
O3 NAG D . 4.80 27.93 33.59
O4 NAG D . 5.59 25.21 34.39
O5 NAG D . 2.06 24.93 33.51
O6 NAG D . 2.55 22.29 34.39
O7 NAG D . 2.67 29.97 30.60
C1 MAN D . 6.22 27.96 33.85
C2 MAN D . 6.61 29.42 33.49
C3 MAN D . 8.02 29.50 32.95
C4 MAN D . 8.87 28.51 33.68
C5 MAN D . 8.49 27.11 33.20
C6 MAN D . 9.07 25.98 34.06
O2 MAN D . 6.60 30.26 34.64
O3 MAN D . 8.55 30.81 33.04
O4 MAN D . 10.24 28.76 33.40
O5 MAN D . 7.00 26.97 33.15
O6 MAN D . 9.67 26.55 35.22
C1 NAG E . 8.91 -18.64 5.68
C2 NAG E . 8.65 -18.76 7.18
C3 NAG E . 7.20 -19.20 7.47
C4 NAG E . 6.17 -18.57 6.53
C5 NAG E . 6.69 -18.46 5.11
C6 NAG E . 5.80 -17.68 4.20
C7 NAG E . 10.68 -19.35 8.43
C8 NAG E . 11.52 -20.47 8.97
N2 NAG E . 9.59 -19.71 7.76
O3 NAG E . 6.90 -18.84 8.81
O4 NAG E . 5.09 -19.48 6.46
O5 NAG E . 7.97 -17.82 5.11
O6 NAG E . 5.62 -18.34 2.96
O7 NAG E . 10.98 -18.18 8.61
C1 NAG E . 3.71 -19.24 6.87
C2 NAG E . 3.20 -17.80 7.08
C3 NAG E . 1.69 -17.82 7.29
C4 NAG E . 1.00 -18.54 6.13
C5 NAG E . 1.60 -19.93 5.93
C6 NAG E . 1.08 -20.60 4.68
C7 NAG E . 3.66 -15.89 8.54
C8 NAG E . 4.42 -15.38 9.73
N2 NAG E . 3.86 -17.17 8.20
O3 NAG E . 1.20 -16.49 7.41
O4 NAG E . -0.38 -18.70 6.41
O5 NAG E . 3.02 -19.84 5.77
O6 NAG E . 1.92 -21.68 4.29
O7 NAG E . 2.88 -15.16 7.92
C1 MAN E . -0.19 -16.42 7.83
C2 MAN E . -0.36 -15.05 8.56
C3 MAN E . -1.59 -15.05 9.45
C4 MAN E . -2.59 -16.08 8.97
C5 MAN E . -1.99 -17.46 9.22
C6 MAN E . -2.84 -18.59 8.64
O2 MAN E . -0.57 -13.99 7.63
O3 MAN E . -2.21 -13.77 9.53
O4 MAN E . -3.80 -15.96 9.69
O5 MAN E . -0.62 -17.54 8.65
O6 MAN E . -2.44 -19.81 9.26
C1 NAG F . 9.10 -22.27 -29.88
C2 NAG F . 10.00 -23.51 -29.83
C3 NAG F . 11.39 -23.20 -30.39
C4 NAG F . 11.24 -22.69 -31.82
C5 NAG F . 10.47 -21.38 -31.77
C6 NAG F . 10.25 -20.76 -33.12
C7 NAG F . 9.82 -25.30 -28.17
C8 NAG F . 9.97 -25.66 -26.72
N2 NAG F . 10.11 -24.03 -28.48
O3 NAG F . 12.19 -24.38 -30.38
O4 NAG F . 12.48 -22.73 -32.53
O5 NAG F . 9.17 -21.64 -31.22
O6 NAG F . 8.97 -20.15 -33.19
O7 NAG F . 9.45 -26.10 -29.01
C1 NAG F . 13.37 -21.63 -32.77
C2 NAG F . 14.71 -22.30 -33.08
C3 NAG F . 15.76 -21.30 -33.53
C4 NAG F . 15.21 -20.38 -34.61
C5 NAG F . 13.89 -19.78 -34.16
C6 NAG F . 13.23 -18.93 -35.20
C7 NAG F . 15.74 -24.27 -32.01
C8 NAG F . 15.82 -24.86 -33.38
N2 NAG F . 15.18 -23.06 -31.92
O3 NAG F . 16.85 -22.06 -34.04
O4 NAG F . 16.13 -19.33 -34.87
O5 NAG F . 12.98 -20.84 -33.85
O6 NAG F . 12.04 -18.32 -34.72
O7 NAG F . 16.14 -24.87 -31.02
C1 MAN F . 18.07 -21.37 -34.38
C2 MAN F . 19.16 -22.45 -34.05
C3 MAN F . 20.44 -21.79 -33.57
C4 MAN F . 20.65 -20.52 -34.34
C5 MAN F . 19.64 -19.50 -33.84
C6 MAN F . 19.52 -18.26 -34.73
O2 MAN F . 19.52 -23.17 -35.22
O3 MAN F . 21.56 -22.66 -33.70
O4 MAN F . 21.97 -20.05 -34.12
O5 MAN F . 18.29 -20.13 -33.70
O6 MAN F . 20.37 -18.43 -35.88
CL CL G . 4.60 15.87 2.06
C1 NAG H . 8.68 12.35 32.49
C2 NAG H . 8.74 10.99 33.12
C3 NAG H . 7.87 11.06 34.33
C4 NAG H . 8.41 12.15 35.23
C5 NAG H . 8.37 13.47 34.51
C6 NAG H . 9.04 14.53 35.36
C7 NAG H . 9.29 9.26 31.58
C8 NAG H . 8.89 8.17 30.64
N2 NAG H . 8.36 9.91 32.26
O3 NAG H . 7.91 9.82 34.98
O4 NAG H . 7.50 12.21 36.32
O5 NAG H . 9.15 13.33 33.36
O6 NAG H . 9.68 15.58 34.60
O7 NAG H . 10.44 9.57 31.70
CL CL I . 11.85 -11.34 -2.46
C1 NAG J . 12.40 -6.72 -32.69
C2 NAG J . 11.82 -5.51 -33.35
C3 NAG J . 11.08 -5.97 -34.57
C4 NAG J . 12.05 -6.66 -35.47
C5 NAG J . 12.64 -7.83 -34.75
C6 NAG J . 13.69 -8.44 -35.66
C7 NAG J . 11.47 -3.64 -31.93
C8 NAG J . 10.65 -2.90 -30.94
N2 NAG J . 10.97 -4.71 -32.53
O3 NAG J . 10.50 -4.84 -35.20
O4 NAG J . 11.26 -7.13 -36.55
O5 NAG J . 13.27 -7.35 -33.60
O6 NAG J . 14.84 -8.95 -34.98
O7 NAG J . 12.59 -3.28 -32.18
#